data_2V9U
#
_entry.id   2V9U
#
_cell.length_a   139.377
_cell.length_b   105.652
_cell.length_c   102.963
_cell.angle_alpha   90.00
_cell.angle_beta   109.26
_cell.angle_gamma   90.00
#
_symmetry.space_group_name_H-M   'C 1 2 1'
#
loop_
_entity.id
_entity.type
_entity.pdbx_description
1 polymer MSPA
2 water water
#
_entity_poly.entity_id   1
_entity_poly.type   'polypeptide(L)'
_entity_poly.pdbx_seq_one_letter_code
;GLDNELSLVDGQDRTLTVQQWDTFLNGVFPLDRNRLTREWFHSGRAKYIVAGPGADEFEGTLELGYQIGGPGIQEVATFS
VDVSGAEGGVAVSNAHGTVTGAAGGVLLRPFARLIASTGDSVTTYGEPWNMN
;
_entity_poly.pdbx_strand_id   A,B,C,D,E,F,G,H
#
# COMPACT_ATOMS: atom_id res chain seq x y z
N GLY A 1 10.85 -33.36 -29.74
CA GLY A 1 10.80 -34.17 -28.46
C GLY A 1 11.67 -33.57 -27.38
N LEU A 2 12.44 -34.41 -26.71
CA LEU A 2 13.36 -33.96 -25.67
C LEU A 2 14.45 -33.02 -26.21
N ASP A 3 14.60 -31.85 -25.61
CA ASP A 3 15.64 -30.89 -25.99
C ASP A 3 16.83 -31.01 -25.01
N ASN A 4 16.53 -31.27 -23.74
CA ASN A 4 17.56 -31.37 -22.74
C ASN A 4 17.03 -31.83 -21.38
N GLU A 5 17.91 -32.33 -20.51
CA GLU A 5 17.55 -32.68 -19.11
C GLU A 5 18.73 -32.46 -18.14
N LEU A 6 18.40 -32.43 -16.86
CA LEU A 6 19.36 -32.49 -15.82
C LEU A 6 18.71 -33.21 -14.66
N SER A 7 19.49 -34.02 -13.98
CA SER A 7 19.05 -34.68 -12.74
C SER A 7 19.90 -34.16 -11.55
N LEU A 8 19.37 -34.27 -10.33
CA LEU A 8 20.09 -33.92 -9.10
C LEU A 8 19.64 -34.88 -8.00
N VAL A 9 20.61 -35.41 -7.26
CA VAL A 9 20.33 -36.23 -6.09
C VAL A 9 20.16 -35.27 -4.96
N ASP A 10 18.97 -35.19 -4.42
CA ASP A 10 18.67 -34.08 -3.54
C ASP A 10 18.96 -34.30 -2.06
N GLY A 11 18.66 -33.29 -1.26
CA GLY A 11 18.96 -33.28 0.16
C GLY A 11 18.35 -34.44 0.89
N GLN A 12 17.32 -35.07 0.32
CA GLN A 12 16.73 -36.28 0.93
C GLN A 12 16.79 -37.56 0.08
N ASP A 13 17.87 -37.66 -0.70
CA ASP A 13 18.23 -38.85 -1.49
C ASP A 13 17.23 -39.22 -2.60
N ARG A 14 16.38 -38.23 -2.91
CA ARG A 14 15.55 -38.26 -4.08
C ARG A 14 16.40 -37.84 -5.30
N THR A 15 16.34 -38.65 -6.36
CA THR A 15 16.89 -38.23 -7.63
C THR A 15 15.81 -37.44 -8.39
N LEU A 16 16.08 -36.15 -8.54
CA LEU A 16 15.14 -35.20 -9.14
C LEU A 16 15.52 -34.89 -10.58
N THR A 17 14.60 -35.09 -11.51
CA THR A 17 14.93 -34.84 -12.91
C THR A 17 14.08 -33.72 -13.54
N VAL A 18 14.68 -32.86 -14.35
CA VAL A 18 13.86 -31.92 -15.09
C VAL A 18 14.20 -32.01 -16.55
N GLN A 19 13.18 -31.89 -17.39
CA GLN A 19 13.35 -32.01 -18.83
C GLN A 19 12.63 -30.92 -19.59
N GLN A 20 13.10 -30.67 -20.79
CA GLN A 20 12.63 -29.57 -21.62
C GLN A 20 12.31 -30.19 -22.97
N TRP A 21 11.03 -30.15 -23.35
CA TRP A 21 10.55 -30.77 -24.56
C TRP A 21 10.00 -29.75 -25.56
N ASP A 22 10.25 -29.94 -26.84
CA ASP A 22 9.48 -29.32 -27.94
C ASP A 22 9.57 -27.82 -28.13
N THR A 23 10.68 -27.22 -27.73
CA THR A 23 10.85 -25.78 -27.64
C THR A 23 10.92 -25.12 -28.97
N PHE A 24 10.11 -24.08 -29.16
CA PHE A 24 10.13 -23.27 -30.34
C PHE A 24 10.13 -21.80 -29.91
N LEU A 25 11.07 -21.02 -30.41
CA LEU A 25 11.08 -19.58 -30.20
C LEU A 25 10.99 -18.88 -31.55
N ASN A 26 9.79 -18.41 -31.87
CA ASN A 26 9.46 -18.02 -33.23
C ASN A 26 9.46 -16.53 -33.38
N GLY A 27 10.49 -16.01 -34.04
CA GLY A 27 10.61 -14.59 -34.34
C GLY A 27 9.70 -14.18 -35.48
N VAL A 28 9.12 -12.98 -35.38
CA VAL A 28 8.17 -12.48 -36.34
C VAL A 28 8.50 -11.04 -36.54
N PHE A 29 7.91 -10.46 -37.60
CA PHE A 29 7.93 -9.01 -37.84
C PHE A 29 7.16 -8.29 -36.75
N PRO A 30 7.87 -7.43 -36.01
CA PRO A 30 7.34 -6.63 -34.91
C PRO A 30 6.03 -5.94 -35.25
N LEU A 31 5.22 -5.82 -34.37
CA LEU A 31 3.85 -5.35 -34.62
C LEU A 31 3.87 -3.84 -34.57
N ASP A 32 4.74 -3.32 -33.70
CA ASP A 32 5.06 -1.91 -33.64
C ASP A 32 5.86 -1.40 -34.82
N ARG A 33 6.26 -2.31 -35.69
CA ARG A 33 6.94 -2.02 -36.94
C ARG A 33 8.32 -1.32 -36.77
N ASN A 34 8.92 -1.51 -35.59
CA ASN A 34 10.17 -0.90 -35.20
C ASN A 34 11.33 -1.87 -35.33
N ARG A 35 12.39 -1.46 -36.03
CA ARG A 35 13.56 -2.28 -36.18
C ARG A 35 14.49 -2.32 -34.96
N LEU A 36 14.16 -1.53 -33.94
CA LEU A 36 14.70 -1.71 -32.62
C LEU A 36 14.01 -2.83 -31.86
N THR A 37 12.89 -3.32 -32.38
CA THR A 37 12.02 -4.21 -31.58
C THR A 37 12.07 -5.70 -31.98
N ARG A 38 12.21 -6.55 -30.97
CA ARG A 38 12.06 -7.97 -31.20
C ARG A 38 10.75 -8.45 -30.62
N GLU A 39 10.12 -9.41 -31.28
CA GLU A 39 8.86 -9.99 -30.85
C GLU A 39 8.82 -11.43 -31.32
N TRP A 40 8.38 -12.33 -30.44
CA TRP A 40 8.43 -13.76 -30.73
C TRP A 40 7.27 -14.52 -30.06
N PHE A 41 7.11 -15.79 -30.43
CA PHE A 41 6.20 -16.68 -29.68
C PHE A 41 6.95 -17.88 -29.11
N HIS A 42 6.64 -18.21 -27.85
CA HIS A 42 7.33 -19.30 -27.15
C HIS A 42 6.44 -20.51 -27.08
N SER A 43 6.94 -21.65 -27.53
CA SER A 43 6.21 -22.90 -27.31
C SER A 43 7.16 -24.00 -26.79
N GLY A 44 6.65 -24.90 -25.96
CA GLY A 44 7.49 -25.85 -25.24
C GLY A 44 6.72 -26.63 -24.19
N ARG A 45 7.41 -27.61 -23.60
CA ARG A 45 6.84 -28.47 -22.56
C ARG A 45 7.91 -28.71 -21.52
N ALA A 46 7.52 -28.63 -20.26
CA ALA A 46 8.40 -28.98 -19.17
C ALA A 46 7.88 -30.28 -18.60
N LYS A 47 8.80 -31.19 -18.27
CA LYS A 47 8.44 -32.38 -17.51
C LYS A 47 9.46 -32.62 -16.40
N TYR A 48 8.97 -33.27 -15.35
CA TYR A 48 9.78 -33.68 -14.20
C TYR A 48 9.58 -35.14 -13.84
N ILE A 49 10.58 -35.73 -13.22
CA ILE A 49 10.47 -37.06 -12.63
C ILE A 49 11.32 -37.12 -11.36
N VAL A 50 10.78 -37.84 -10.36
CA VAL A 50 11.46 -38.10 -9.09
C VAL A 50 11.46 -39.57 -8.75
N ALA A 51 12.58 -40.08 -8.28
CA ALA A 51 12.67 -41.45 -7.79
C ALA A 51 13.25 -41.45 -6.40
N GLY A 52 13.05 -42.55 -5.68
CA GLY A 52 13.60 -42.71 -4.33
C GLY A 52 12.56 -42.66 -3.23
N PRO A 53 13.03 -42.70 -1.96
CA PRO A 53 12.15 -42.71 -0.79
C PRO A 53 11.23 -41.49 -0.75
N GLY A 54 9.93 -41.72 -0.88
CA GLY A 54 8.95 -40.65 -0.70
C GLY A 54 8.59 -39.92 -1.98
N ALA A 55 8.87 -40.56 -3.12
CA ALA A 55 8.58 -39.99 -4.45
C ALA A 55 7.09 -39.70 -4.73
N ASP A 56 6.19 -40.56 -4.24
CA ASP A 56 4.78 -40.31 -4.37
C ASP A 56 4.35 -39.17 -3.50
N GLU A 57 5.23 -38.75 -2.59
CA GLU A 57 4.95 -37.73 -1.58
C GLU A 57 5.47 -36.35 -1.92
N PHE A 58 5.74 -36.10 -3.19
CA PHE A 58 6.52 -34.93 -3.65
C PHE A 58 5.67 -33.71 -3.99
N GLU A 59 6.06 -32.58 -3.41
CA GLU A 59 5.47 -31.27 -3.72
C GLU A 59 6.57 -30.31 -4.15
N GLY A 60 6.34 -29.62 -5.25
CA GLY A 60 7.28 -28.61 -5.70
C GLY A 60 6.67 -27.61 -6.66
N THR A 61 7.56 -26.93 -7.39
CA THR A 61 7.12 -26.02 -8.45
C THR A 61 7.81 -26.46 -9.73
N LEU A 62 7.04 -26.40 -10.82
CA LEU A 62 7.56 -26.65 -12.15
C LEU A 62 7.39 -25.37 -12.96
N GLU A 63 8.49 -24.90 -13.56
CA GLU A 63 8.55 -23.66 -14.35
C GLU A 63 9.21 -23.92 -15.70
N LEU A 64 8.90 -23.05 -16.67
CA LEU A 64 9.44 -23.09 -18.03
C LEU A 64 9.51 -21.64 -18.50
N GLY A 65 10.49 -21.31 -19.34
CA GLY A 65 10.67 -19.93 -19.79
C GLY A 65 12.00 -19.73 -20.50
N TYR A 66 12.66 -18.59 -20.24
CA TYR A 66 13.94 -18.26 -20.88
C TYR A 66 14.54 -17.00 -20.23
N GLN A 67 15.87 -16.83 -20.25
CA GLN A 67 16.45 -15.51 -20.03
C GLN A 67 16.51 -14.70 -21.32
N ILE A 68 16.42 -13.38 -21.17
CA ILE A 68 16.54 -12.47 -22.32
C ILE A 68 17.88 -11.79 -22.23
N GLY A 69 18.61 -11.74 -23.34
CA GLY A 69 19.90 -11.09 -23.31
C GLY A 69 19.95 -9.99 -24.31
N GLY A 70 19.87 -8.75 -23.85
CA GLY A 70 19.78 -7.61 -24.77
C GLY A 70 19.99 -6.25 -24.10
N PRO A 71 18.89 -5.58 -23.73
CA PRO A 71 19.06 -4.36 -22.92
C PRO A 71 19.58 -4.68 -21.51
N GLY A 72 19.85 -5.96 -21.26
CA GLY A 72 20.21 -6.49 -19.93
C GLY A 72 19.81 -7.96 -19.85
N ILE A 73 20.18 -8.62 -18.75
CA ILE A 73 19.72 -9.98 -18.48
C ILE A 73 18.48 -9.95 -17.56
N GLN A 74 17.36 -10.44 -18.10
CA GLN A 74 16.11 -10.61 -17.37
C GLN A 74 15.52 -12.01 -17.63
N GLU A 75 15.00 -12.63 -16.57
CA GLU A 75 14.39 -13.92 -16.69
C GLU A 75 12.87 -13.84 -16.77
N VAL A 76 12.28 -14.48 -17.79
CA VAL A 76 10.83 -14.59 -17.88
C VAL A 76 10.38 -16.02 -17.60
N ALA A 77 9.46 -16.14 -16.66
CA ALA A 77 8.85 -17.41 -16.33
C ALA A 77 7.54 -17.46 -17.08
N THR A 78 7.47 -18.26 -18.15
CA THR A 78 6.26 -18.28 -19.00
C THR A 78 5.10 -18.91 -18.25
N PHE A 79 5.34 -20.05 -17.60
CA PHE A 79 4.43 -20.53 -16.56
C PHE A 79 5.26 -20.95 -15.36
N SER A 80 4.64 -20.98 -14.18
CA SER A 80 5.25 -21.46 -12.93
C SER A 80 4.13 -22.05 -12.10
N VAL A 81 4.23 -23.36 -11.81
CA VAL A 81 3.09 -24.07 -11.24
C VAL A 81 3.39 -25.16 -10.19
N ASP A 82 2.55 -25.18 -9.14
CA ASP A 82 2.66 -26.15 -8.05
C ASP A 82 2.34 -27.54 -8.58
N VAL A 83 3.13 -28.52 -8.16
CA VAL A 83 2.96 -29.90 -8.58
C VAL A 83 3.05 -30.86 -7.40
N SER A 84 2.38 -31.98 -7.57
CA SER A 84 2.43 -33.05 -6.59
C SER A 84 2.52 -34.41 -7.33
N GLY A 85 3.30 -35.34 -6.79
CA GLY A 85 3.48 -36.63 -7.46
C GLY A 85 4.92 -36.91 -7.88
N ALA A 86 5.19 -38.14 -8.29
CA ALA A 86 6.49 -38.52 -8.79
C ALA A 86 6.71 -38.11 -10.25
N GLU A 87 5.62 -37.87 -11.00
CA GLU A 87 5.71 -37.46 -12.39
C GLU A 87 4.68 -36.38 -12.77
N GLY A 88 5.05 -35.57 -13.76
CA GLY A 88 4.20 -34.50 -14.26
C GLY A 88 4.81 -33.65 -15.37
N GLY A 89 4.00 -32.77 -15.91
CA GLY A 89 4.49 -31.92 -16.96
C GLY A 89 3.42 -31.01 -17.51
N VAL A 90 3.82 -29.80 -17.86
CA VAL A 90 2.91 -28.84 -18.45
C VAL A 90 3.47 -28.17 -19.73
N ALA A 91 2.57 -27.90 -20.68
CA ALA A 91 2.94 -27.42 -22.00
C ALA A 91 2.30 -26.06 -22.31
N VAL A 92 2.90 -25.31 -23.22
CA VAL A 92 2.41 -24.01 -23.59
C VAL A 92 2.50 -23.80 -25.09
N SER A 93 1.44 -23.33 -25.70
CA SER A 93 1.52 -22.98 -27.11
C SER A 93 1.35 -21.47 -27.23
N ASN A 94 2.26 -20.87 -28.00
CA ASN A 94 2.19 -19.47 -28.44
C ASN A 94 2.38 -18.31 -27.46
N ALA A 95 3.08 -18.51 -26.36
CA ALA A 95 3.30 -17.40 -25.42
C ALA A 95 3.96 -16.24 -26.11
N HIS A 96 3.64 -15.03 -25.70
CA HIS A 96 4.08 -13.84 -26.39
C HIS A 96 5.18 -13.11 -25.60
N GLY A 97 6.22 -12.74 -26.33
CA GLY A 97 7.37 -12.10 -25.77
C GLY A 97 7.74 -11.03 -26.74
N THR A 98 8.28 -9.94 -26.20
CA THR A 98 8.73 -8.81 -26.97
C THR A 98 9.70 -8.00 -26.17
N VAL A 99 10.69 -7.42 -26.84
CA VAL A 99 11.60 -6.53 -26.16
C VAL A 99 12.05 -5.48 -27.15
N THR A 100 12.36 -4.28 -26.65
CA THR A 100 12.71 -3.14 -27.50
C THR A 100 13.98 -2.50 -27.00
N GLY A 101 14.54 -1.61 -27.83
CA GLY A 101 15.86 -1.06 -27.60
C GLY A 101 16.90 -2.09 -28.01
N ALA A 102 16.45 -3.04 -28.84
CA ALA A 102 17.27 -4.16 -29.32
C ALA A 102 18.36 -3.58 -30.21
N ALA A 103 19.42 -3.19 -29.54
CA ALA A 103 20.50 -2.51 -30.20
C ALA A 103 21.32 -3.60 -30.85
N GLY A 104 20.71 -4.29 -31.80
CA GLY A 104 21.41 -5.30 -32.57
C GLY A 104 21.35 -6.64 -31.90
N GLY A 105 20.47 -7.49 -32.40
CA GLY A 105 20.36 -8.91 -31.96
C GLY A 105 19.88 -9.15 -30.52
N VAL A 106 19.36 -10.36 -30.28
CA VAL A 106 18.80 -10.69 -28.98
C VAL A 106 18.83 -12.18 -28.91
N LEU A 107 19.48 -12.68 -27.86
CA LEU A 107 19.66 -14.11 -27.58
C LEU A 107 18.74 -14.54 -26.44
N LEU A 108 18.14 -15.71 -26.59
CA LEU A 108 17.18 -16.19 -25.62
C LEU A 108 17.63 -17.55 -25.15
N ARG A 109 17.85 -17.67 -23.84
CA ARG A 109 18.33 -18.91 -23.28
C ARG A 109 17.17 -19.61 -22.60
N PRO A 110 16.62 -20.67 -23.24
CA PRO A 110 15.46 -21.32 -22.64
C PRO A 110 15.81 -22.38 -21.59
N PHE A 111 15.01 -22.45 -20.53
CA PHE A 111 15.29 -23.31 -19.37
C PHE A 111 14.00 -23.97 -18.88
N ALA A 112 14.17 -25.11 -18.22
CA ALA A 112 13.09 -25.73 -17.51
C ALA A 112 13.51 -26.03 -16.06
N ARG A 113 12.61 -25.81 -15.10
CA ARG A 113 12.99 -25.78 -13.65
C ARG A 113 12.13 -26.65 -12.68
N LEU A 114 12.82 -27.42 -11.85
CA LEU A 114 12.12 -28.22 -10.84
C LEU A 114 12.55 -27.73 -9.46
N ILE A 115 11.57 -27.20 -8.71
CA ILE A 115 11.81 -26.64 -7.40
C ILE A 115 11.09 -27.43 -6.30
N ALA A 116 11.84 -27.91 -5.33
CA ALA A 116 11.25 -28.68 -4.26
C ALA A 116 10.82 -27.79 -3.11
N SER A 117 9.64 -28.05 -2.55
CA SER A 117 9.15 -27.47 -1.30
C SER A 117 10.12 -27.61 -0.14
N THR A 118 11.02 -28.58 -0.27
CA THR A 118 12.10 -28.79 0.66
C THR A 118 13.28 -27.87 0.44
N GLY A 119 13.19 -27.02 -0.56
CA GLY A 119 14.26 -26.06 -0.85
C GLY A 119 15.05 -26.32 -2.11
N ASP A 120 15.18 -27.60 -2.48
CA ASP A 120 16.07 -28.02 -3.56
C ASP A 120 15.57 -27.61 -4.95
N SER A 121 16.50 -27.39 -5.87
CA SER A 121 16.08 -27.07 -7.22
C SER A 121 17.07 -27.59 -8.24
N VAL A 122 16.58 -27.99 -9.41
CA VAL A 122 17.43 -28.29 -10.55
C VAL A 122 16.87 -27.61 -11.79
N THR A 123 17.73 -27.12 -12.68
CA THR A 123 17.22 -26.45 -13.87
C THR A 123 18.06 -26.80 -15.10
N THR A 124 17.39 -27.28 -16.13
CA THR A 124 18.03 -27.70 -17.38
C THR A 124 18.02 -26.59 -18.42
N TYR A 125 19.13 -26.40 -19.13
CA TYR A 125 19.22 -25.28 -20.13
C TYR A 125 19.39 -25.75 -21.58
N GLY A 126 18.77 -25.03 -22.51
CA GLY A 126 18.97 -25.24 -23.95
C GLY A 126 20.01 -24.28 -24.53
N GLU A 127 20.29 -24.43 -25.81
CA GLU A 127 21.17 -23.51 -26.51
C GLU A 127 20.36 -22.24 -26.93
N PRO A 128 20.92 -21.05 -26.76
CA PRO A 128 20.08 -19.86 -27.00
C PRO A 128 19.61 -19.75 -28.44
N TRP A 129 18.43 -19.15 -28.61
CA TRP A 129 17.88 -18.84 -29.91
C TRP A 129 18.26 -17.38 -30.16
N ASN A 130 18.68 -17.07 -31.37
CA ASN A 130 19.02 -15.72 -31.72
C ASN A 130 17.87 -15.01 -32.39
N MET A 131 17.36 -13.98 -31.74
CA MET A 131 16.21 -13.25 -32.23
C MET A 131 16.31 -12.31 -33.39
N ASN A 132 17.39 -12.38 -34.13
CA ASN A 132 17.47 -11.74 -35.41
C ASN A 132 18.53 -12.23 -36.37
N GLY B 1 -18.20 -16.03 -38.50
CA GLY B 1 -17.88 -17.45 -38.14
C GLY B 1 -16.54 -17.66 -37.43
N LEU B 2 -16.10 -18.90 -37.44
CA LEU B 2 -14.79 -19.23 -36.94
C LEU B 2 -13.75 -18.49 -37.79
N ASP B 3 -12.88 -17.75 -37.10
CA ASP B 3 -11.78 -17.04 -37.75
C ASP B 3 -10.51 -17.88 -37.69
N ASN B 4 -10.29 -18.54 -36.54
CA ASN B 4 -9.08 -19.34 -36.27
C ASN B 4 -9.18 -20.16 -34.97
N GLU B 5 -8.29 -21.16 -34.87
CA GLU B 5 -8.27 -22.07 -33.75
C GLU B 5 -6.91 -22.70 -33.67
N LEU B 6 -6.60 -23.23 -32.48
CA LEU B 6 -5.40 -23.99 -32.27
C LEU B 6 -5.69 -24.93 -31.12
N SER B 7 -4.91 -25.99 -31.08
CA SER B 7 -5.09 -27.05 -30.12
C SER B 7 -3.72 -27.45 -29.53
N LEU B 8 -3.78 -27.95 -28.30
CA LEU B 8 -2.61 -28.48 -27.60
C LEU B 8 -2.97 -29.76 -26.83
N VAL B 9 -2.11 -30.77 -26.90
CA VAL B 9 -2.17 -31.91 -25.99
C VAL B 9 -1.45 -31.54 -24.72
N ASP B 10 -2.19 -31.21 -23.66
CA ASP B 10 -1.54 -30.72 -22.46
C ASP B 10 -0.84 -31.81 -21.64
N GLY B 11 -0.18 -31.38 -20.58
CA GLY B 11 0.67 -32.26 -19.79
C GLY B 11 -0.04 -33.38 -19.07
N GLN B 12 -1.38 -33.39 -19.12
CA GLN B 12 -2.15 -34.54 -18.62
C GLN B 12 -3.10 -35.15 -19.66
N ASP B 13 -2.59 -35.21 -20.90
CA ASP B 13 -3.21 -35.91 -22.03
C ASP B 13 -4.65 -35.48 -22.44
N ARG B 14 -5.03 -34.23 -22.12
CA ARG B 14 -6.27 -33.63 -22.64
C ARG B 14 -5.94 -32.79 -23.85
N THR B 15 -6.79 -32.86 -24.89
CA THR B 15 -6.61 -32.03 -26.08
C THR B 15 -7.39 -30.72 -25.95
N LEU B 16 -6.67 -29.65 -25.63
CA LEU B 16 -7.23 -28.30 -25.48
C LEU B 16 -7.33 -27.58 -26.82
N THR B 17 -8.51 -27.08 -27.09
CA THR B 17 -8.75 -26.32 -28.30
C THR B 17 -9.21 -24.93 -27.87
N VAL B 18 -8.80 -23.89 -28.59
CA VAL B 18 -9.35 -22.56 -28.37
C VAL B 18 -9.71 -21.97 -29.72
N GLN B 19 -10.75 -21.14 -29.72
CA GLN B 19 -11.29 -20.60 -30.95
C GLN B 19 -11.66 -19.13 -30.84
N GLN B 20 -11.45 -18.43 -31.96
CA GLN B 20 -11.78 -17.00 -32.09
C GLN B 20 -12.78 -16.75 -33.23
N TRP B 21 -13.98 -16.30 -32.84
CA TRP B 21 -15.13 -16.13 -33.72
C TRP B 21 -15.58 -14.69 -33.85
N ASP B 22 -16.09 -14.34 -35.03
CA ASP B 22 -16.80 -13.09 -35.22
C ASP B 22 -16.10 -11.83 -34.74
N THR B 23 -14.76 -11.83 -34.82
CA THR B 23 -13.95 -10.69 -34.47
C THR B 23 -14.28 -9.54 -35.39
N PHE B 24 -14.53 -8.39 -34.78
CA PHE B 24 -14.57 -7.12 -35.48
C PHE B 24 -13.79 -5.98 -34.77
N LEU B 25 -12.82 -5.42 -35.47
CA LEU B 25 -12.16 -4.22 -34.99
C LEU B 25 -12.62 -2.99 -35.73
N ASN B 26 -13.57 -2.28 -35.11
CA ASN B 26 -14.24 -1.13 -35.72
C ASN B 26 -13.48 0.19 -35.45
N GLY B 27 -12.60 0.51 -36.39
CA GLY B 27 -11.85 1.76 -36.36
C GLY B 27 -12.73 2.93 -36.71
N VAL B 28 -12.67 3.99 -35.91
CA VAL B 28 -13.45 5.21 -36.21
C VAL B 28 -12.58 6.45 -36.04
N PHE B 29 -12.93 7.53 -36.71
CA PHE B 29 -12.27 8.80 -36.51
C PHE B 29 -12.33 9.18 -35.03
N PRO B 30 -11.19 9.64 -34.48
CA PRO B 30 -11.09 9.75 -33.02
C PRO B 30 -11.86 10.94 -32.42
N LEU B 31 -12.36 10.73 -31.20
CA LEU B 31 -13.16 11.67 -30.45
C LEU B 31 -12.39 12.91 -30.01
N ASP B 32 -11.07 12.82 -29.88
CA ASP B 32 -10.25 13.99 -29.61
C ASP B 32 -9.80 14.84 -30.80
N ARG B 33 -10.24 14.45 -32.00
CA ARG B 33 -9.88 15.04 -33.31
C ARG B 33 -8.42 15.20 -33.66
N ASN B 34 -7.64 14.29 -33.12
CA ASN B 34 -6.20 14.41 -32.97
C ASN B 34 -5.52 13.44 -33.89
N ARG B 35 -4.57 13.92 -34.65
CA ARG B 35 -4.09 13.13 -35.77
C ARG B 35 -3.17 12.00 -35.38
N LEU B 36 -2.68 12.05 -34.14
CA LEU B 36 -1.95 10.96 -33.53
C LEU B 36 -2.80 9.95 -32.79
N THR B 37 -4.11 10.16 -32.69
CA THR B 37 -4.94 9.23 -31.91
C THR B 37 -5.68 8.17 -32.80
N ARG B 38 -5.75 6.94 -32.29
CA ARG B 38 -6.56 5.89 -32.88
C ARG B 38 -7.64 5.45 -31.85
N GLU B 39 -8.85 5.19 -32.36
CA GLU B 39 -10.02 4.83 -31.55
C GLU B 39 -10.79 3.74 -32.29
N TRP B 40 -11.33 2.77 -31.54
CA TRP B 40 -11.97 1.67 -32.18
C TRP B 40 -12.87 0.93 -31.22
N PHE B 41 -13.69 0.04 -31.80
CA PHE B 41 -14.54 -0.86 -31.03
C PHE B 41 -14.33 -2.34 -31.42
N HIS B 42 -14.18 -3.16 -30.39
CA HIS B 42 -13.83 -4.55 -30.54
C HIS B 42 -15.07 -5.36 -30.25
N SER B 43 -15.39 -6.30 -31.13
CA SER B 43 -16.46 -7.24 -30.89
C SER B 43 -15.95 -8.62 -31.29
N GLY B 44 -16.37 -9.65 -30.54
CA GLY B 44 -15.78 -10.97 -30.70
C GLY B 44 -16.27 -12.04 -29.76
N ARG B 45 -16.01 -13.30 -30.14
CA ARG B 45 -16.41 -14.48 -29.38
C ARG B 45 -15.21 -15.40 -29.15
N ALA B 46 -15.02 -15.86 -27.92
CA ALA B 46 -14.06 -16.94 -27.66
C ALA B 46 -14.78 -18.21 -27.27
N LYS B 47 -14.28 -19.32 -27.78
CA LYS B 47 -14.75 -20.66 -27.41
C LYS B 47 -13.59 -21.65 -27.15
N TYR B 48 -13.85 -22.58 -26.24
CA TYR B 48 -12.95 -23.67 -26.00
C TYR B 48 -13.70 -24.98 -26.00
N ILE B 49 -12.89 -26.03 -26.02
CA ILE B 49 -13.31 -27.42 -25.96
C ILE B 49 -12.16 -28.18 -25.32
N VAL B 50 -12.46 -29.10 -24.40
CA VAL B 50 -11.45 -30.05 -23.89
C VAL B 50 -11.86 -31.49 -24.15
N ALA B 51 -10.96 -32.26 -24.76
CA ALA B 51 -11.16 -33.71 -24.98
C ALA B 51 -10.28 -34.55 -24.03
N GLY B 52 -10.72 -35.77 -23.72
CA GLY B 52 -9.92 -36.71 -22.94
C GLY B 52 -10.34 -36.94 -21.51
N PRO B 53 -9.51 -37.67 -20.75
CA PRO B 53 -9.82 -38.15 -19.40
C PRO B 53 -9.92 -37.01 -18.38
N GLY B 54 -11.13 -36.82 -17.88
CA GLY B 54 -11.38 -35.84 -16.85
C GLY B 54 -11.90 -34.57 -17.47
N ALA B 55 -12.36 -34.66 -18.72
CA ALA B 55 -12.77 -33.46 -19.47
C ALA B 55 -13.95 -32.69 -18.84
N ASP B 56 -14.94 -33.43 -18.36
CA ASP B 56 -16.11 -32.86 -17.67
C ASP B 56 -15.79 -32.28 -16.26
N GLU B 57 -14.52 -32.35 -15.86
CA GLU B 57 -14.05 -31.70 -14.63
C GLU B 57 -12.84 -30.75 -14.81
N PHE B 58 -12.72 -30.15 -16.00
CA PHE B 58 -11.68 -29.17 -16.33
C PHE B 58 -12.00 -27.79 -15.70
N GLU B 59 -10.95 -27.14 -15.19
CA GLU B 59 -11.04 -25.77 -14.65
C GLU B 59 -9.95 -24.91 -15.26
N GLY B 60 -10.28 -23.70 -15.69
CA GLY B 60 -9.30 -22.82 -16.32
C GLY B 60 -9.75 -21.37 -16.37
N THR B 61 -9.24 -20.65 -17.36
CA THR B 61 -9.60 -19.27 -17.56
C THR B 61 -9.67 -19.09 -19.06
N LEU B 62 -10.63 -18.31 -19.53
CA LEU B 62 -10.80 -18.04 -20.95
C LEU B 62 -10.65 -16.55 -21.20
N GLU B 63 -9.79 -16.18 -22.16
CA GLU B 63 -9.50 -14.78 -22.40
C GLU B 63 -9.59 -14.46 -23.87
N LEU B 64 -9.79 -13.19 -24.18
CA LEU B 64 -9.96 -12.69 -25.57
C LEU B 64 -9.48 -11.25 -25.59
N GLY B 65 -8.86 -10.83 -26.69
CA GLY B 65 -8.36 -9.46 -26.77
C GLY B 65 -7.45 -9.19 -27.93
N TYR B 66 -6.46 -8.34 -27.71
CA TYR B 66 -5.48 -8.03 -28.76
C TYR B 66 -4.23 -7.37 -28.21
N GLN B 67 -3.16 -7.51 -28.98
CA GLN B 67 -1.98 -6.74 -28.79
C GLN B 67 -2.08 -5.44 -29.61
N ILE B 68 -1.62 -4.35 -29.02
CA ILE B 68 -1.56 -3.06 -29.72
C ILE B 68 -0.12 -2.82 -30.14
N GLY B 69 0.10 -2.38 -31.39
CA GLY B 69 1.45 -2.18 -31.94
C GLY B 69 1.68 -0.84 -32.62
N GLY B 70 2.44 0.04 -31.94
CA GLY B 70 2.74 1.37 -32.45
C GLY B 70 3.67 2.03 -31.45
N PRO B 71 3.10 2.77 -30.48
CA PRO B 71 3.85 3.20 -29.28
C PRO B 71 4.67 2.09 -28.59
N GLY B 72 4.50 0.86 -29.06
CA GLY B 72 5.19 -0.29 -28.52
C GLY B 72 4.32 -1.51 -28.79
N ILE B 73 4.56 -2.60 -28.07
CA ILE B 73 3.60 -3.67 -27.98
C ILE B 73 3.05 -3.76 -26.53
N GLN B 74 1.71 -3.76 -26.45
CA GLN B 74 0.94 -3.80 -25.21
C GLN B 74 -0.22 -4.77 -25.41
N GLU B 75 -0.40 -5.68 -24.46
CA GLU B 75 -1.54 -6.57 -24.53
C GLU B 75 -2.74 -6.07 -23.74
N VAL B 76 -3.90 -6.07 -24.38
CA VAL B 76 -5.15 -5.80 -23.72
C VAL B 76 -6.03 -7.05 -23.73
N ALA B 77 -6.46 -7.47 -22.54
CA ALA B 77 -7.54 -8.46 -22.40
C ALA B 77 -8.85 -7.74 -22.18
N THR B 78 -9.70 -7.78 -23.22
CA THR B 78 -11.05 -7.24 -23.18
C THR B 78 -11.82 -7.92 -22.05
N PHE B 79 -11.56 -9.22 -21.87
CA PHE B 79 -12.05 -9.99 -20.71
C PHE B 79 -11.16 -11.19 -20.39
N SER B 80 -11.29 -11.71 -19.16
CA SER B 80 -10.51 -12.80 -18.63
C SER B 80 -11.34 -13.45 -17.53
N VAL B 81 -11.80 -14.69 -17.74
CA VAL B 81 -12.79 -15.24 -16.82
C VAL B 81 -12.58 -16.73 -16.49
N ASP B 82 -12.83 -17.10 -15.24
CA ASP B 82 -12.76 -18.48 -14.81
C ASP B 82 -13.87 -19.31 -15.46
N VAL B 83 -13.50 -20.43 -16.08
CA VAL B 83 -14.48 -21.35 -16.68
C VAL B 83 -14.30 -22.75 -16.16
N SER B 84 -15.35 -23.55 -16.30
CA SER B 84 -15.33 -24.92 -15.80
C SER B 84 -16.06 -25.86 -16.75
N GLY B 85 -15.59 -27.09 -16.83
CA GLY B 85 -16.22 -28.05 -17.72
C GLY B 85 -15.62 -28.06 -19.12
N ALA B 86 -16.14 -28.98 -19.94
CA ALA B 86 -15.55 -29.43 -21.20
C ALA B 86 -15.68 -28.42 -22.31
N GLU B 87 -16.64 -27.50 -22.15
CA GLU B 87 -17.05 -26.56 -23.19
C GLU B 87 -17.56 -25.21 -22.64
N GLY B 88 -17.58 -24.22 -23.53
CA GLY B 88 -18.08 -22.90 -23.22
C GLY B 88 -17.46 -21.83 -24.08
N GLY B 89 -17.81 -20.58 -23.79
CA GLY B 89 -17.14 -19.48 -24.45
C GLY B 89 -17.88 -18.22 -24.18
N VAL B 90 -17.20 -17.08 -24.30
CA VAL B 90 -17.85 -15.79 -24.02
C VAL B 90 -17.68 -14.79 -25.16
N ALA B 91 -18.57 -13.80 -25.18
CA ALA B 91 -18.67 -12.87 -26.29
C ALA B 91 -18.73 -11.40 -25.83
N VAL B 92 -18.23 -10.51 -26.69
CA VAL B 92 -18.17 -9.12 -26.34
C VAL B 92 -18.58 -8.34 -27.58
N SER B 93 -19.46 -7.36 -27.36
CA SER B 93 -19.85 -6.45 -28.42
C SER B 93 -19.60 -5.00 -28.02
N ASN B 94 -18.94 -4.30 -28.93
CA ASN B 94 -18.66 -2.89 -28.86
C ASN B 94 -17.80 -2.42 -27.70
N ALA B 95 -16.84 -3.24 -27.27
CA ALA B 95 -15.84 -2.81 -26.29
C ALA B 95 -15.01 -1.63 -26.81
N HIS B 96 -14.61 -0.72 -25.92
CA HIS B 96 -13.92 0.50 -26.36
C HIS B 96 -12.39 0.45 -26.17
N GLY B 97 -11.67 0.95 -27.18
CA GLY B 97 -10.20 0.87 -27.18
C GLY B 97 -9.61 2.06 -27.91
N THR B 98 -8.54 2.62 -27.34
CA THR B 98 -7.88 3.80 -27.88
C THR B 98 -6.40 3.87 -27.51
N VAL B 99 -5.64 4.60 -28.32
CA VAL B 99 -4.20 4.76 -28.06
C VAL B 99 -3.66 5.96 -28.81
N THR B 100 -2.69 6.64 -28.21
CA THR B 100 -2.24 7.91 -28.73
C THR B 100 -0.70 7.97 -28.87
N GLY B 101 -0.17 9.07 -29.40
CA GLY B 101 1.23 9.13 -29.88
C GLY B 101 1.48 8.14 -31.03
N ALA B 102 0.42 7.86 -31.78
CA ALA B 102 0.50 6.89 -32.87
C ALA B 102 1.21 7.52 -34.02
N ALA B 103 2.52 7.55 -33.92
CA ALA B 103 3.33 8.09 -34.97
C ALA B 103 3.23 7.18 -36.18
N GLY B 104 2.36 7.59 -37.10
CA GLY B 104 2.02 6.76 -38.28
C GLY B 104 1.58 5.32 -37.98
N GLY B 105 0.26 5.08 -38.07
CA GLY B 105 -0.30 3.71 -38.03
C GLY B 105 -0.47 3.09 -36.64
N VAL B 106 -1.38 2.14 -36.53
CA VAL B 106 -1.37 1.25 -35.39
C VAL B 106 -1.87 -0.05 -35.99
N LEU B 107 -1.17 -1.15 -35.69
CA LEU B 107 -1.62 -2.50 -36.04
C LEU B 107 -2.18 -3.20 -34.81
N LEU B 108 -3.21 -4.00 -35.02
CA LEU B 108 -3.88 -4.68 -33.93
C LEU B 108 -3.87 -6.17 -34.19
N ARG B 109 -3.22 -6.94 -33.32
CA ARG B 109 -3.24 -8.42 -33.45
C ARG B 109 -4.23 -9.09 -32.52
N PRO B 110 -5.33 -9.65 -33.07
CA PRO B 110 -6.32 -10.24 -32.14
C PRO B 110 -6.04 -11.71 -31.69
N PHE B 111 -6.32 -12.02 -30.43
CA PHE B 111 -6.21 -13.39 -29.91
C PHE B 111 -7.39 -13.85 -29.04
N ALA B 112 -7.52 -15.17 -28.92
CA ALA B 112 -8.30 -15.85 -27.89
C ALA B 112 -7.35 -16.82 -27.15
N ARG B 113 -7.47 -16.92 -25.83
CA ARG B 113 -6.54 -17.72 -25.04
C ARG B 113 -7.23 -18.67 -24.05
N LEU B 114 -6.75 -19.90 -24.01
CA LEU B 114 -7.23 -20.88 -23.02
C LEU B 114 -6.11 -21.24 -22.09
N ILE B 115 -6.32 -20.99 -20.81
CA ILE B 115 -5.35 -21.23 -19.76
C ILE B 115 -5.96 -22.24 -18.81
N ALA B 116 -5.25 -23.33 -18.52
CA ALA B 116 -5.75 -24.34 -17.56
C ALA B 116 -5.28 -24.10 -16.12
N SER B 117 -6.12 -24.43 -15.15
CA SER B 117 -5.76 -24.35 -13.74
C SER B 117 -4.51 -25.14 -13.40
N THR B 118 -4.20 -26.13 -14.25
CA THR B 118 -2.92 -26.90 -14.18
C THR B 118 -1.68 -26.26 -14.82
N GLY B 119 -1.80 -24.97 -15.25
CA GLY B 119 -0.65 -24.18 -15.72
C GLY B 119 -0.52 -24.11 -17.22
N ASP B 120 -1.13 -25.09 -17.89
CA ASP B 120 -1.03 -25.26 -19.34
C ASP B 120 -1.75 -24.13 -20.03
N SER B 121 -1.37 -23.83 -21.27
CA SER B 121 -2.13 -22.82 -22.01
C SER B 121 -1.93 -22.90 -23.50
N VAL B 122 -2.99 -22.60 -24.24
CA VAL B 122 -2.90 -22.44 -25.68
C VAL B 122 -3.56 -21.11 -26.09
N THR B 123 -2.97 -20.46 -27.09
CA THR B 123 -3.47 -19.17 -27.57
C THR B 123 -3.48 -19.09 -29.10
N THR B 124 -4.66 -18.83 -29.67
CA THR B 124 -4.81 -18.67 -31.12
C THR B 124 -4.75 -17.20 -31.55
N TYR B 125 -4.13 -16.92 -32.69
CA TYR B 125 -4.03 -15.53 -33.16
C TYR B 125 -4.68 -15.33 -34.50
N GLY B 126 -5.40 -14.20 -34.65
CA GLY B 126 -5.91 -13.78 -35.95
C GLY B 126 -4.86 -12.98 -36.71
N GLU B 127 -5.12 -12.61 -37.97
CA GLU B 127 -4.22 -11.73 -38.73
C GLU B 127 -4.42 -10.29 -38.29
N PRO B 128 -3.32 -9.55 -38.09
CA PRO B 128 -3.45 -8.15 -37.64
C PRO B 128 -4.43 -7.29 -38.43
N TRP B 129 -5.18 -6.45 -37.70
CA TRP B 129 -6.02 -5.44 -38.26
C TRP B 129 -5.23 -4.14 -38.24
N ASN B 130 -5.29 -3.42 -39.35
CA ASN B 130 -4.55 -2.20 -39.54
C ASN B 130 -5.47 -1.02 -39.28
N MET B 131 -5.18 -0.31 -38.20
CA MET B 131 -6.12 0.59 -37.57
C MET B 131 -5.83 1.88 -38.23
N ASN B 132 -5.34 1.82 -39.46
CA ASN B 132 -5.06 3.02 -40.24
C ASN B 132 -5.25 2.79 -41.74
N GLY C 1 -37.00 9.86 -24.26
CA GLY C 1 -37.46 8.51 -24.72
C GLY C 1 -36.24 7.66 -24.96
N LEU C 2 -36.46 6.50 -25.59
CA LEU C 2 -35.36 5.64 -25.98
C LEU C 2 -34.45 6.34 -26.99
N ASP C 3 -33.16 6.41 -26.66
CA ASP C 3 -32.18 7.01 -27.54
C ASP C 3 -31.52 5.99 -28.44
N ASN C 4 -31.05 4.89 -27.86
CA ASN C 4 -30.34 3.82 -28.57
C ASN C 4 -30.39 2.50 -27.77
N GLU C 5 -30.05 1.39 -28.42
CA GLU C 5 -30.02 0.05 -27.77
C GLU C 5 -29.20 -0.95 -28.59
N LEU C 6 -28.72 -2.00 -27.94
CA LEU C 6 -28.06 -3.10 -28.67
C LEU C 6 -28.19 -4.38 -27.90
N SER C 7 -28.24 -5.48 -28.65
CA SER C 7 -28.45 -6.83 -28.16
C SER C 7 -27.35 -7.80 -28.60
N LEU C 8 -26.94 -8.65 -27.66
CA LEU C 8 -25.94 -9.66 -27.91
C LEU C 8 -26.49 -11.00 -27.47
N VAL C 9 -26.23 -12.02 -28.27
CA VAL C 9 -26.56 -13.37 -27.90
C VAL C 9 -25.24 -13.78 -27.33
N ASP C 10 -25.20 -14.00 -26.02
CA ASP C 10 -23.94 -14.25 -25.33
C ASP C 10 -23.55 -15.70 -25.39
N GLY C 11 -22.48 -16.03 -24.66
CA GLY C 11 -21.83 -17.33 -24.73
C GLY C 11 -22.64 -18.47 -24.20
N GLN C 12 -23.77 -18.18 -23.55
CA GLN C 12 -24.67 -19.24 -23.10
C GLN C 12 -26.10 -19.08 -23.56
N ASP C 13 -26.23 -18.56 -24.79
CA ASP C 13 -27.49 -18.53 -25.53
C ASP C 13 -28.60 -17.72 -24.88
N ARG C 14 -28.18 -16.73 -24.10
CA ARG C 14 -29.06 -15.70 -23.60
C ARG C 14 -28.97 -14.54 -24.57
N THR C 15 -30.12 -13.98 -24.93
CA THR C 15 -30.12 -12.76 -25.73
C THR C 15 -30.16 -11.55 -24.82
N LEU C 16 -28.99 -10.96 -24.60
CA LEU C 16 -28.80 -9.81 -23.72
C LEU C 16 -28.96 -8.47 -24.43
N THR C 17 -29.84 -7.63 -23.92
CA THR C 17 -30.10 -6.30 -24.48
C THR C 17 -29.55 -5.19 -23.56
N VAL C 18 -29.34 -3.99 -24.08
CA VAL C 18 -28.98 -2.86 -23.22
C VAL C 18 -29.42 -1.60 -23.92
N GLN C 19 -29.92 -0.65 -23.13
CA GLN C 19 -30.72 0.48 -23.63
C GLN C 19 -30.31 1.79 -22.93
N GLN C 20 -30.43 2.88 -23.68
CA GLN C 20 -30.06 4.21 -23.21
C GLN C 20 -31.17 5.24 -23.43
N TRP C 21 -31.74 5.73 -22.34
CA TRP C 21 -32.96 6.56 -22.37
C TRP C 21 -32.76 7.96 -21.81
N ASP C 22 -33.47 8.93 -22.36
CA ASP C 22 -33.68 10.25 -21.75
C ASP C 22 -32.42 11.09 -21.52
N THR C 23 -31.54 11.10 -22.52
CA THR C 23 -30.15 11.55 -22.37
C THR C 23 -30.04 13.07 -22.54
N PHE C 24 -29.69 13.76 -21.46
CA PHE C 24 -29.31 15.16 -21.53
C PHE C 24 -27.86 15.49 -21.11
N LEU C 25 -27.06 15.98 -22.05
CA LEU C 25 -25.73 16.46 -21.71
C LEU C 25 -25.74 17.97 -21.65
N ASN C 26 -26.01 18.53 -20.48
CA ASN C 26 -26.35 19.94 -20.37
C ASN C 26 -25.16 20.86 -20.18
N GLY C 27 -24.70 21.45 -21.28
CA GLY C 27 -23.50 22.31 -21.29
C GLY C 27 -23.80 23.63 -20.58
N VAL C 28 -22.85 24.14 -19.79
CA VAL C 28 -23.06 25.38 -19.01
C VAL C 28 -21.79 26.20 -18.91
N PHE C 29 -21.92 27.43 -18.43
CA PHE C 29 -20.75 28.29 -18.17
C PHE C 29 -19.89 27.77 -17.03
N PRO C 30 -18.58 27.60 -17.30
CA PRO C 30 -17.60 27.03 -16.38
C PRO C 30 -17.53 27.86 -15.10
N LEU C 31 -17.65 27.23 -13.94
CA LEU C 31 -17.64 27.93 -12.67
C LEU C 31 -16.33 28.65 -12.41
N ASP C 32 -15.27 28.24 -13.10
CA ASP C 32 -13.95 28.81 -12.89
C ASP C 32 -13.70 29.96 -13.85
N ARG C 33 -14.75 30.36 -14.55
CA ARG C 33 -14.70 31.44 -15.52
C ARG C 33 -13.63 31.26 -16.58
N ASN C 34 -13.05 30.07 -16.66
CA ASN C 34 -11.96 29.83 -17.57
C ASN C 34 -12.41 29.32 -18.91
N ARG C 35 -11.85 29.93 -19.94
CA ARG C 35 -12.31 29.78 -21.30
C ARG C 35 -11.92 28.41 -21.81
N LEU C 36 -11.00 27.76 -21.10
CA LEU C 36 -10.48 26.48 -21.51
C LEU C 36 -11.08 25.34 -20.73
N THR C 37 -12.00 25.67 -19.84
CA THR C 37 -12.73 24.64 -19.14
C THR C 37 -14.08 24.43 -19.83
N ARG C 38 -14.56 23.19 -19.83
CA ARG C 38 -15.94 22.88 -20.16
C ARG C 38 -16.59 22.24 -18.91
N GLU C 39 -17.86 22.61 -18.65
CA GLU C 39 -18.67 22.09 -17.53
C GLU C 39 -20.06 21.72 -17.97
N TRP C 40 -20.53 20.55 -17.59
CA TRP C 40 -21.85 20.08 -18.02
C TRP C 40 -22.61 19.31 -16.91
N PHE C 41 -23.82 18.88 -17.24
CA PHE C 41 -24.55 17.99 -16.35
C PHE C 41 -25.13 16.79 -17.09
N HIS C 42 -24.82 15.60 -16.59
CA HIS C 42 -25.26 14.39 -17.25
C HIS C 42 -26.56 13.92 -16.64
N SER C 43 -27.53 13.65 -17.50
CA SER C 43 -28.77 13.07 -17.06
C SER C 43 -29.14 11.97 -18.04
N GLY C 44 -29.65 10.85 -17.53
CA GLY C 44 -29.80 9.65 -18.34
C GLY C 44 -30.43 8.48 -17.62
N ARG C 45 -31.00 7.56 -18.39
CA ARG C 45 -31.64 6.37 -17.87
C ARG C 45 -30.96 5.16 -18.54
N ALA C 46 -30.60 4.14 -17.78
CA ALA C 46 -30.05 2.92 -18.41
C ALA C 46 -30.91 1.71 -18.07
N LYS C 47 -31.24 0.87 -19.06
CA LYS C 47 -31.95 -0.39 -18.85
C LYS C 47 -31.28 -1.56 -19.60
N TYR C 48 -31.59 -2.77 -19.16
CA TYR C 48 -31.16 -3.97 -19.83
C TYR C 48 -32.31 -4.98 -19.82
N ILE C 49 -32.24 -5.95 -20.73
CA ILE C 49 -33.18 -7.06 -20.78
C ILE C 49 -32.38 -8.29 -21.15
N VAL C 50 -32.69 -9.41 -20.49
CA VAL C 50 -32.14 -10.72 -20.85
C VAL C 50 -33.26 -11.74 -21.10
N ALA C 51 -33.25 -12.33 -22.30
CA ALA C 51 -34.13 -13.46 -22.66
C ALA C 51 -33.31 -14.74 -22.58
N GLY C 52 -33.96 -15.90 -22.47
CA GLY C 52 -33.28 -17.19 -22.64
C GLY C 52 -33.11 -18.06 -21.40
N PRO C 53 -32.41 -19.20 -21.55
CA PRO C 53 -32.36 -20.16 -20.45
C PRO C 53 -31.72 -19.51 -19.23
N GLY C 54 -32.43 -19.54 -18.11
CA GLY C 54 -31.89 -19.01 -16.86
C GLY C 54 -31.84 -17.49 -16.76
N ALA C 55 -32.56 -16.82 -17.66
CA ALA C 55 -32.68 -15.36 -17.65
C ALA C 55 -32.97 -14.76 -16.26
N ASP C 56 -33.88 -15.40 -15.51
CA ASP C 56 -34.31 -14.89 -14.20
C ASP C 56 -33.23 -15.08 -13.13
N GLU C 57 -32.18 -15.79 -13.51
CA GLU C 57 -31.01 -16.00 -12.65
C GLU C 57 -29.68 -15.36 -13.18
N PHE C 58 -29.83 -14.19 -13.84
CA PHE C 58 -28.73 -13.39 -14.42
C PHE C 58 -28.08 -12.50 -13.39
N GLU C 59 -26.74 -12.56 -13.34
CA GLU C 59 -25.92 -11.66 -12.51
C GLU C 59 -25.03 -10.81 -13.41
N GLY C 60 -24.89 -9.52 -13.09
CA GLY C 60 -24.01 -8.62 -13.82
C GLY C 60 -23.95 -7.19 -13.32
N THR C 61 -23.33 -6.31 -14.11
CA THR C 61 -23.19 -4.93 -13.76
C THR C 61 -23.81 -4.08 -14.85
N LEU C 62 -24.59 -3.09 -14.44
CA LEU C 62 -25.18 -2.11 -15.32
C LEU C 62 -24.47 -0.76 -15.19
N GLU C 63 -24.15 -0.14 -16.32
CA GLU C 63 -23.40 1.10 -16.30
C GLU C 63 -23.97 2.15 -17.26
N LEU C 64 -23.82 3.42 -16.85
CA LEU C 64 -24.10 4.61 -17.67
C LEU C 64 -22.98 5.63 -17.52
N GLY C 65 -22.63 6.28 -18.63
CA GLY C 65 -21.60 7.31 -18.63
C GLY C 65 -21.30 7.78 -20.05
N TYR C 66 -20.08 8.31 -20.24
CA TYR C 66 -19.62 8.78 -21.53
C TYR C 66 -18.10 8.76 -21.69
N GLN C 67 -17.66 8.97 -22.93
CA GLN C 67 -16.26 9.25 -23.22
C GLN C 67 -16.12 10.73 -23.42
N ILE C 68 -15.01 11.28 -22.90
CA ILE C 68 -14.58 12.65 -23.12
C ILE C 68 -13.49 12.63 -24.15
N GLY C 69 -13.61 13.51 -25.13
CA GLY C 69 -12.65 13.60 -26.21
C GLY C 69 -12.27 15.04 -26.38
N GLY C 70 -11.00 15.34 -26.14
CA GLY C 70 -10.48 16.68 -26.22
C GLY C 70 -9.00 16.56 -25.88
N PRO C 71 -8.67 16.72 -24.58
CA PRO C 71 -7.31 16.45 -24.14
C PRO C 71 -6.91 14.95 -24.16
N GLY C 72 -7.65 14.14 -24.89
CA GLY C 72 -7.38 12.72 -24.97
C GLY C 72 -8.72 12.04 -24.90
N ILE C 73 -8.70 10.70 -24.88
CA ILE C 73 -9.90 9.92 -24.62
C ILE C 73 -9.88 9.35 -23.19
N GLN C 74 -10.89 9.74 -22.42
CA GLN C 74 -11.13 9.18 -21.09
C GLN C 74 -12.56 8.65 -21.07
N GLU C 75 -12.79 7.61 -20.28
CA GLU C 75 -14.14 7.12 -20.03
C GLU C 75 -14.61 7.52 -18.63
N VAL C 76 -15.83 8.05 -18.52
CA VAL C 76 -16.40 8.33 -17.22
C VAL C 76 -17.65 7.49 -17.05
N ALA C 77 -17.65 6.68 -15.99
CA ALA C 77 -18.83 5.97 -15.59
C ALA C 77 -19.61 6.80 -14.59
N THR C 78 -20.72 7.42 -15.00
CA THR C 78 -21.56 8.18 -14.08
C THR C 78 -22.07 7.25 -12.99
N PHE C 79 -22.50 6.05 -13.36
CA PHE C 79 -22.73 5.06 -12.34
C PHE C 79 -22.32 3.70 -12.85
N SER C 80 -22.19 2.74 -11.93
CA SER C 80 -21.87 1.36 -12.26
C SER C 80 -22.37 0.51 -11.10
N VAL C 81 -23.24 -0.46 -11.36
CA VAL C 81 -23.93 -1.12 -10.26
C VAL C 81 -24.24 -2.59 -10.51
N ASP C 82 -24.28 -3.37 -9.44
CA ASP C 82 -24.65 -4.78 -9.53
C ASP C 82 -26.13 -4.90 -9.83
N VAL C 83 -26.49 -5.94 -10.61
CA VAL C 83 -27.88 -6.21 -10.97
C VAL C 83 -28.18 -7.72 -10.98
N SER C 84 -29.37 -8.10 -10.54
CA SER C 84 -29.81 -9.49 -10.63
C SER C 84 -31.22 -9.53 -11.20
N GLY C 85 -31.56 -10.64 -11.87
CA GLY C 85 -32.84 -10.77 -12.58
C GLY C 85 -32.74 -10.44 -14.05
N ALA C 86 -33.84 -10.60 -14.77
CA ALA C 86 -33.82 -10.50 -16.23
C ALA C 86 -34.24 -9.14 -16.73
N GLU C 87 -34.69 -8.27 -15.81
CA GLU C 87 -34.93 -6.87 -16.15
C GLU C 87 -34.43 -5.93 -15.08
N GLY C 88 -34.27 -4.68 -15.45
CA GLY C 88 -33.72 -3.71 -14.51
C GLY C 88 -33.25 -2.45 -15.19
N GLY C 89 -33.15 -1.39 -14.42
CA GLY C 89 -32.69 -0.13 -14.96
C GLY C 89 -32.44 0.87 -13.85
N VAL C 90 -31.60 1.85 -14.15
CA VAL C 90 -31.33 2.92 -13.21
C VAL C 90 -31.08 4.23 -13.92
N ALA C 91 -31.46 5.31 -13.24
CA ALA C 91 -31.51 6.65 -13.79
C ALA C 91 -30.71 7.62 -12.93
N VAL C 92 -30.11 8.61 -13.59
CA VAL C 92 -29.29 9.62 -12.93
C VAL C 92 -29.74 11.03 -13.37
N SER C 93 -29.83 11.97 -12.42
CA SER C 93 -30.22 13.35 -12.75
C SER C 93 -29.17 14.31 -12.24
N ASN C 94 -28.61 15.07 -13.16
CA ASN C 94 -27.74 16.14 -12.78
C ASN C 94 -26.42 15.81 -12.11
N ALA C 95 -25.83 14.73 -12.57
CA ALA C 95 -24.40 14.59 -12.55
C ALA C 95 -23.54 15.53 -13.28
N HIS C 96 -22.52 15.94 -12.54
CA HIS C 96 -21.64 17.07 -12.80
C HIS C 96 -20.39 16.55 -13.45
N GLY C 97 -20.00 17.14 -14.57
CA GLY C 97 -18.79 16.75 -15.29
C GLY C 97 -17.95 17.98 -15.53
N THR C 98 -16.67 17.82 -15.70
CA THR C 98 -15.84 18.95 -16.10
C THR C 98 -14.53 18.43 -16.59
N VAL C 99 -13.89 19.22 -17.44
CA VAL C 99 -12.57 18.89 -17.99
C VAL C 99 -12.00 20.20 -18.47
N THR C 100 -10.67 20.29 -18.48
CA THR C 100 -9.93 21.53 -18.75
C THR C 100 -8.68 21.28 -19.55
N GLY C 101 -8.15 22.37 -20.10
CA GLY C 101 -7.02 22.33 -21.03
C GLY C 101 -7.62 22.13 -22.39
N ALA C 102 -8.95 22.35 -22.43
CA ALA C 102 -9.80 21.96 -23.54
C ALA C 102 -9.51 22.80 -24.75
N ALA C 103 -8.54 22.34 -25.53
CA ALA C 103 -7.99 23.16 -26.60
C ALA C 103 -8.87 23.13 -27.85
N GLY C 104 -9.76 24.12 -27.93
CA GLY C 104 -10.86 24.16 -28.93
C GLY C 104 -11.81 22.97 -28.90
N GLY C 105 -12.97 23.14 -28.26
CA GLY C 105 -14.10 22.19 -28.37
C GLY C 105 -13.96 20.90 -27.55
N VAL C 106 -15.09 20.35 -27.08
CA VAL C 106 -15.10 19.05 -26.40
C VAL C 106 -16.32 18.24 -26.86
N LEU C 107 -16.08 17.00 -27.25
CA LEU C 107 -17.15 16.09 -27.66
C LEU C 107 -17.40 15.04 -26.58
N LEU C 108 -18.63 14.60 -26.45
CA LEU C 108 -19.01 13.61 -25.44
C LEU C 108 -19.82 12.45 -26.08
N ARG C 109 -19.23 11.25 -26.07
CA ARG C 109 -19.88 10.05 -26.58
C ARG C 109 -20.51 9.27 -25.45
N PRO C 110 -21.85 9.31 -25.34
CA PRO C 110 -22.53 8.63 -24.23
C PRO C 110 -22.85 7.15 -24.47
N PHE C 111 -22.69 6.31 -23.45
CA PHE C 111 -23.04 4.89 -23.55
C PHE C 111 -23.92 4.37 -22.39
N ALA C 112 -24.57 3.22 -22.65
CA ALA C 112 -25.07 2.31 -21.62
C ALA C 112 -24.37 0.94 -21.78
N ARG C 113 -23.98 0.32 -20.67
CA ARG C 113 -23.28 -0.93 -20.75
C ARG C 113 -23.87 -1.95 -19.80
N LEU C 114 -23.91 -3.18 -20.25
CA LEU C 114 -24.30 -4.29 -19.43
C LEU C 114 -23.20 -5.30 -19.47
N ILE C 115 -22.65 -5.61 -18.31
CA ILE C 115 -21.63 -6.65 -18.22
C ILE C 115 -22.23 -7.77 -17.42
N ALA C 116 -22.06 -8.98 -17.92
CA ALA C 116 -22.46 -10.21 -17.24
C ALA C 116 -21.33 -10.82 -16.43
N SER C 117 -21.69 -11.37 -15.27
CA SER C 117 -20.75 -12.08 -14.36
C SER C 117 -20.08 -13.26 -15.04
N THR C 118 -20.56 -13.59 -16.23
CA THR C 118 -19.94 -14.62 -17.06
C THR C 118 -18.92 -14.04 -18.04
N GLY C 119 -18.64 -12.75 -17.95
CA GLY C 119 -17.60 -12.14 -18.77
C GLY C 119 -18.13 -11.44 -20.02
N ASP C 120 -19.37 -11.71 -20.42
CA ASP C 120 -19.95 -11.08 -21.60
C ASP C 120 -20.34 -9.64 -21.23
N SER C 121 -20.30 -8.72 -22.18
CA SER C 121 -20.52 -7.29 -21.96
C SER C 121 -21.07 -6.92 -23.37
N VAL C 122 -22.17 -6.18 -23.44
CA VAL C 122 -22.63 -5.47 -24.64
C VAL C 122 -22.72 -3.96 -24.29
N THR C 123 -22.37 -3.08 -25.21
CA THR C 123 -22.44 -1.67 -24.90
C THR C 123 -23.01 -0.98 -26.10
N THR C 124 -24.03 -0.16 -25.86
CA THR C 124 -24.72 0.67 -26.88
C THR C 124 -24.26 2.13 -26.78
N TYR C 125 -24.20 2.84 -27.91
CA TYR C 125 -23.68 4.22 -27.95
C TYR C 125 -24.63 5.19 -28.67
N GLY C 126 -24.71 6.41 -28.16
CA GLY C 126 -25.38 7.46 -28.92
C GLY C 126 -24.41 8.26 -29.76
N GLU C 127 -24.98 9.21 -30.52
CA GLU C 127 -24.22 10.27 -31.18
C GLU C 127 -23.67 11.26 -30.17
N PRO C 128 -22.35 11.51 -30.22
CA PRO C 128 -21.63 12.54 -29.46
C PRO C 128 -22.32 13.91 -29.33
N TRP C 129 -22.32 14.47 -28.12
CA TRP C 129 -22.84 15.82 -27.86
C TRP C 129 -21.67 16.81 -27.89
N ASN C 130 -21.91 18.03 -28.33
CA ASN C 130 -20.79 18.90 -28.50
C ASN C 130 -20.77 20.04 -27.53
N MET C 131 -19.73 20.06 -26.72
CA MET C 131 -19.69 20.87 -25.52
C MET C 131 -19.24 22.27 -25.78
N ASN C 132 -19.40 22.70 -27.01
CA ASN C 132 -19.05 24.07 -27.44
C ASN C 132 -19.94 24.45 -28.61
N GLY D 1 -35.68 29.00 4.38
CA GLY D 1 -36.43 27.74 4.16
C GLY D 1 -35.98 27.01 2.89
N LEU D 2 -36.94 26.62 2.06
CA LEU D 2 -36.64 25.88 0.84
C LEU D 2 -35.99 26.79 -0.17
N ASP D 3 -34.77 26.42 -0.55
CA ASP D 3 -33.99 27.10 -1.57
C ASP D 3 -34.20 26.49 -2.94
N ASN D 4 -34.21 25.18 -3.01
CA ASN D 4 -34.43 24.50 -4.28
C ASN D 4 -34.63 23.01 -4.07
N GLU D 5 -35.29 22.39 -5.04
CA GLU D 5 -35.49 20.96 -5.03
C GLU D 5 -35.61 20.41 -6.45
N LEU D 6 -35.51 19.09 -6.55
CA LEU D 6 -35.71 18.40 -7.80
C LEU D 6 -36.18 17.00 -7.45
N SER D 7 -37.11 16.49 -8.26
CA SER D 7 -37.52 15.08 -8.15
C SER D 7 -37.09 14.26 -9.38
N LEU D 8 -36.88 12.95 -9.20
CA LEU D 8 -36.68 12.01 -10.32
C LEU D 8 -37.37 10.66 -10.11
N VAL D 9 -38.03 10.14 -11.14
CA VAL D 9 -38.62 8.80 -11.07
C VAL D 9 -37.55 7.73 -11.35
N ASP D 10 -37.11 7.01 -10.31
CA ASP D 10 -36.04 6.04 -10.48
C ASP D 10 -36.43 4.78 -11.28
N GLY D 11 -35.45 3.96 -11.60
CA GLY D 11 -35.70 2.78 -12.42
C GLY D 11 -36.39 1.67 -11.68
N GLN D 12 -36.92 1.98 -10.50
CA GLN D 12 -38.01 1.19 -9.92
C GLN D 12 -39.28 1.92 -9.52
N ASP D 13 -39.67 2.87 -10.35
CA ASP D 13 -40.96 3.50 -10.22
C ASP D 13 -41.20 4.04 -8.83
N ARG D 14 -40.13 4.52 -8.21
CA ARG D 14 -40.18 5.35 -7.00
C ARG D 14 -39.98 6.80 -7.43
N THR D 15 -40.70 7.74 -6.80
CA THR D 15 -40.49 9.18 -7.03
C THR D 15 -39.55 9.82 -5.99
N LEU D 16 -38.27 9.87 -6.33
CA LEU D 16 -37.19 10.39 -5.49
C LEU D 16 -37.10 11.91 -5.54
N THR D 17 -37.11 12.51 -4.36
CA THR D 17 -37.08 13.96 -4.24
C THR D 17 -35.95 14.33 -3.28
N VAL D 18 -35.23 15.41 -3.59
CA VAL D 18 -34.15 15.89 -2.73
C VAL D 18 -34.28 17.41 -2.61
N GLN D 19 -33.95 17.95 -1.45
CA GLN D 19 -34.23 19.38 -1.18
C GLN D 19 -33.05 20.09 -0.52
N GLN D 20 -32.93 21.39 -0.82
CA GLN D 20 -31.84 22.21 -0.28
C GLN D 20 -32.43 23.41 0.50
N TRP D 21 -32.41 23.30 1.82
CA TRP D 21 -33.00 24.30 2.72
C TRP D 21 -31.95 25.12 3.43
N ASP D 22 -32.28 26.39 3.68
CA ASP D 22 -31.54 27.35 4.54
C ASP D 22 -30.04 27.47 4.25
N THR D 23 -29.66 27.60 2.98
CA THR D 23 -28.26 27.64 2.56
C THR D 23 -27.62 29.00 2.85
N PHE D 24 -26.49 29.01 3.55
CA PHE D 24 -25.78 30.26 3.83
C PHE D 24 -24.27 30.08 3.70
N LEU D 25 -23.67 30.53 2.62
CA LEU D 25 -22.21 30.45 2.45
C LEU D 25 -21.51 31.73 2.94
N ASN D 26 -21.02 31.74 4.19
CA ASN D 26 -20.55 32.98 4.86
C ASN D 26 -19.07 33.28 4.68
N GLY D 27 -18.74 34.18 3.78
CA GLY D 27 -17.34 34.53 3.53
C GLY D 27 -16.70 35.31 4.67
N VAL D 28 -15.43 35.05 4.91
CA VAL D 28 -14.66 35.82 5.91
C VAL D 28 -13.28 36.18 5.39
N PHE D 29 -12.74 37.25 5.94
CA PHE D 29 -11.36 37.71 5.68
C PHE D 29 -10.38 36.58 6.13
N PRO D 30 -9.38 36.21 5.29
CA PRO D 30 -8.58 34.97 5.46
C PRO D 30 -7.63 34.97 6.66
N LEU D 31 -7.58 33.84 7.35
CA LEU D 31 -6.79 33.71 8.57
C LEU D 31 -5.32 33.80 8.22
N ASP D 32 -5.03 33.64 6.94
CA ASP D 32 -3.67 33.63 6.44
C ASP D 32 -3.22 34.99 5.94
N ARG D 33 -4.13 35.97 6.03
CA ARG D 33 -3.95 37.34 5.55
C ARG D 33 -3.38 37.45 4.14
N ASN D 34 -3.76 36.51 3.28
CA ASN D 34 -3.36 36.55 1.90
C ASN D 34 -4.48 36.90 0.93
N ARG D 35 -4.29 37.97 0.18
CA ARG D 35 -5.27 38.43 -0.81
C ARG D 35 -5.74 37.35 -1.78
N LEU D 36 -4.94 36.30 -1.95
CA LEU D 36 -5.24 35.21 -2.89
C LEU D 36 -6.21 34.21 -2.32
N THR D 37 -6.47 34.33 -1.03
CA THR D 37 -7.13 33.28 -0.27
C THR D 37 -8.59 33.57 0.03
N ARG D 38 -9.43 32.58 -0.25
CA ARG D 38 -10.81 32.67 0.12
C ARG D 38 -11.13 31.75 1.29
N GLU D 39 -11.86 32.30 2.25
CA GLU D 39 -12.29 31.51 3.37
C GLU D 39 -13.74 31.85 3.62
N TRP D 40 -14.54 30.85 4.02
CA TRP D 40 -15.98 31.01 4.25
C TRP D 40 -16.49 29.92 5.20
N PHE D 41 -17.76 30.04 5.61
CA PHE D 41 -18.41 28.97 6.37
C PHE D 41 -19.73 28.57 5.74
N HIS D 42 -19.80 27.30 5.33
CA HIS D 42 -21.02 26.68 4.85
C HIS D 42 -22.01 26.31 5.97
N SER D 43 -23.21 26.86 5.89
CA SER D 43 -24.33 26.34 6.67
C SER D 43 -25.46 25.90 5.74
N GLY D 44 -26.45 25.18 6.24
CA GLY D 44 -27.52 24.65 5.35
C GLY D 44 -28.12 23.30 5.71
N ARG D 45 -29.12 22.86 4.94
CA ARG D 45 -29.89 21.62 5.24
C ARG D 45 -30.37 20.82 4.02
N ALA D 46 -30.02 19.55 3.96
CA ALA D 46 -30.58 18.73 2.91
C ALA D 46 -31.71 17.88 3.47
N LYS D 47 -32.79 17.73 2.70
CA LYS D 47 -33.82 16.76 3.01
C LYS D 47 -34.12 15.92 1.76
N TYR D 48 -34.67 14.72 1.98
CA TYR D 48 -35.12 13.88 0.88
C TYR D 48 -36.53 13.39 1.16
N ILE D 49 -37.27 13.09 0.09
CA ILE D 49 -38.58 12.42 0.21
C ILE D 49 -38.72 11.31 -0.86
N VAL D 50 -39.34 10.18 -0.51
CA VAL D 50 -39.69 9.13 -1.51
C VAL D 50 -41.14 8.64 -1.45
N ALA D 51 -41.82 8.73 -2.60
CA ALA D 51 -43.15 8.15 -2.77
C ALA D 51 -43.12 6.97 -3.76
N GLY D 52 -44.02 6.01 -3.55
CA GLY D 52 -44.14 4.86 -4.43
C GLY D 52 -43.78 3.55 -3.74
N PRO D 53 -43.97 2.43 -4.46
CA PRO D 53 -43.81 1.06 -3.97
C PRO D 53 -42.47 0.81 -3.27
N GLY D 54 -42.55 0.52 -1.98
CA GLY D 54 -41.39 0.22 -1.15
C GLY D 54 -40.72 1.46 -0.62
N ALA D 55 -41.48 2.53 -0.44
CA ALA D 55 -40.96 3.79 0.08
C ALA D 55 -40.44 3.66 1.50
N ASP D 56 -41.21 2.98 2.33
CA ASP D 56 -40.95 2.87 3.76
C ASP D 56 -39.77 1.95 4.05
N GLU D 57 -39.16 1.45 3.00
CA GLU D 57 -38.03 0.58 3.14
C GLU D 57 -36.92 0.99 2.21
N PHE D 58 -36.35 2.16 2.46
CA PHE D 58 -35.44 2.78 1.52
C PHE D 58 -34.01 2.75 2.00
N GLU D 59 -33.10 2.62 1.06
CA GLU D 59 -31.69 2.44 1.39
C GLU D 59 -30.91 3.30 0.41
N GLY D 60 -30.41 4.44 0.90
CA GLY D 60 -29.60 5.33 0.09
C GLY D 60 -28.63 6.14 0.93
N THR D 61 -27.84 6.97 0.25
CA THR D 61 -26.94 7.92 0.86
C THR D 61 -27.52 9.32 0.56
N LEU D 62 -27.33 10.28 1.49
CA LEU D 62 -27.79 11.69 1.34
C LEU D 62 -26.61 12.63 1.51
N GLU D 63 -26.48 13.61 0.62
CA GLU D 63 -25.28 14.44 0.62
C GLU D 63 -25.62 15.92 0.59
N LEU D 64 -24.63 16.73 1.00
CA LEU D 64 -24.73 18.19 0.99
C LEU D 64 -23.34 18.81 1.00
N GLY D 65 -23.13 19.73 0.05
CA GLY D 65 -21.88 20.44 -0.16
C GLY D 65 -22.01 21.46 -1.27
N TYR D 66 -20.94 21.65 -2.04
CA TYR D 66 -20.89 22.62 -3.14
C TYR D 66 -19.69 22.33 -4.00
N GLN D 67 -19.68 22.91 -5.20
CA GLN D 67 -18.50 22.95 -6.06
C GLN D 67 -17.77 24.29 -5.92
N ILE D 68 -16.45 24.25 -6.06
CA ILE D 68 -15.57 25.42 -6.05
C ILE D 68 -14.99 25.64 -7.45
N GLY D 69 -15.14 26.85 -7.93
CA GLY D 69 -14.63 27.22 -9.24
C GLY D 69 -13.65 28.36 -9.08
N GLY D 70 -12.37 28.05 -9.27
CA GLY D 70 -11.31 29.01 -9.03
C GLY D 70 -10.07 28.63 -9.79
N PRO D 71 -9.29 27.70 -9.23
CA PRO D 71 -8.17 27.03 -9.89
C PRO D 71 -8.60 25.68 -10.42
N GLY D 72 -9.83 25.69 -10.88
CA GLY D 72 -10.44 24.53 -11.47
C GLY D 72 -11.77 24.35 -10.76
N ILE D 73 -12.34 23.16 -10.92
CA ILE D 73 -13.60 22.80 -10.33
C ILE D 73 -13.36 21.53 -9.55
N GLN D 74 -13.68 21.61 -8.27
CA GLN D 74 -13.61 20.49 -7.35
C GLN D 74 -14.91 20.52 -6.56
N GLU D 75 -15.29 19.38 -6.03
CA GLU D 75 -16.53 19.27 -5.29
C GLU D 75 -16.18 18.98 -3.82
N VAL D 76 -16.80 19.73 -2.91
CA VAL D 76 -16.71 19.37 -1.51
C VAL D 76 -18.03 18.79 -1.01
N ALA D 77 -17.96 17.57 -0.48
CA ALA D 77 -19.06 17.03 0.29
C ALA D 77 -18.80 17.41 1.74
N THR D 78 -19.58 18.36 2.25
CA THR D 78 -19.53 18.76 3.67
C THR D 78 -19.86 17.56 4.56
N PHE D 79 -20.93 16.84 4.22
CA PHE D 79 -21.27 15.55 4.83
C PHE D 79 -21.83 14.58 3.78
N SER D 80 -21.63 13.28 3.98
CA SER D 80 -22.22 12.23 3.13
C SER D 80 -22.59 11.03 3.99
N VAL D 81 -23.88 10.62 3.94
CA VAL D 81 -24.46 9.78 5.01
C VAL D 81 -25.60 8.78 4.66
N ASP D 82 -25.45 7.56 5.17
CA ASP D 82 -26.44 6.50 5.00
C ASP D 82 -27.80 6.78 5.70
N VAL D 83 -28.87 6.65 4.92
CA VAL D 83 -30.19 6.94 5.41
C VAL D 83 -31.10 5.79 5.04
N SER D 84 -32.21 5.69 5.76
CA SER D 84 -33.27 4.71 5.47
C SER D 84 -34.59 5.41 5.73
N GLY D 85 -35.70 4.78 5.35
CA GLY D 85 -37.02 5.35 5.54
C GLY D 85 -37.37 6.19 4.34
N ALA D 86 -38.62 6.65 4.30
CA ALA D 86 -39.17 7.37 3.14
C ALA D 86 -39.03 8.88 3.28
N GLU D 87 -38.46 9.30 4.41
CA GLU D 87 -38.27 10.72 4.65
C GLU D 87 -37.04 10.98 5.49
N GLY D 88 -36.63 12.25 5.52
CA GLY D 88 -35.52 12.70 6.35
C GLY D 88 -34.70 13.89 5.88
N GLY D 89 -33.93 14.44 6.81
CA GLY D 89 -33.05 15.55 6.54
C GLY D 89 -31.81 15.53 7.42
N VAL D 90 -30.77 16.19 6.94
CA VAL D 90 -29.62 16.46 7.78
C VAL D 90 -29.11 17.88 7.56
N ALA D 91 -28.67 18.47 8.66
CA ALA D 91 -28.39 19.89 8.75
C ALA D 91 -26.95 20.12 9.17
N VAL D 92 -26.36 21.21 8.67
CA VAL D 92 -25.02 21.61 9.08
C VAL D 92 -24.93 23.11 9.41
N SER D 93 -24.12 23.42 10.42
CA SER D 93 -23.91 24.79 10.81
C SER D 93 -22.42 25.05 11.01
N ASN D 94 -21.88 25.97 10.22
CA ASN D 94 -20.47 26.38 10.28
C ASN D 94 -19.46 25.33 9.83
N ALA D 95 -19.69 24.73 8.69
CA ALA D 95 -18.65 23.92 8.09
C ALA D 95 -17.61 24.90 7.57
N HIS D 96 -16.33 24.56 7.68
CA HIS D 96 -15.20 25.41 7.26
C HIS D 96 -14.75 24.96 5.88
N GLY D 97 -14.55 25.96 5.02
CA GLY D 97 -14.01 25.77 3.68
C GLY D 97 -12.98 26.84 3.37
N THR D 98 -12.01 26.48 2.53
CA THR D 98 -11.02 27.42 2.04
C THR D 98 -10.31 26.99 0.73
N VAL D 99 -9.86 27.99 -0.05
CA VAL D 99 -9.09 27.77 -1.27
C VAL D 99 -8.23 28.99 -1.58
N THR D 100 -7.10 28.73 -2.22
CA THR D 100 -6.05 29.71 -2.41
C THR D 100 -5.56 29.61 -3.85
N GLY D 101 -4.61 30.45 -4.24
CA GLY D 101 -4.27 30.62 -5.66
C GLY D 101 -5.48 31.22 -6.39
N ALA D 102 -6.40 31.77 -5.60
CA ALA D 102 -7.63 32.33 -6.10
C ALA D 102 -7.27 33.63 -6.81
N ALA D 103 -7.11 33.54 -8.13
CA ALA D 103 -6.71 34.70 -8.91
C ALA D 103 -7.96 35.28 -9.58
N GLY D 104 -8.40 36.41 -9.04
CA GLY D 104 -9.65 37.05 -9.44
C GLY D 104 -11.03 36.46 -9.19
N GLY D 105 -11.36 36.24 -7.92
CA GLY D 105 -12.73 35.88 -7.56
C GLY D 105 -12.80 34.37 -7.46
N VAL D 106 -13.89 33.87 -6.86
CA VAL D 106 -14.13 32.46 -6.57
C VAL D 106 -15.62 32.27 -6.39
N LEU D 107 -16.19 31.38 -7.20
CA LEU D 107 -17.60 31.12 -7.21
C LEU D 107 -17.89 29.75 -6.59
N LEU D 108 -19.03 29.65 -5.90
CA LEU D 108 -19.41 28.46 -5.15
C LEU D 108 -20.83 27.90 -5.50
N ARG D 109 -20.89 26.73 -6.16
CA ARG D 109 -22.19 26.15 -6.51
C ARG D 109 -22.69 25.15 -5.47
N PRO D 110 -23.68 25.56 -4.66
CA PRO D 110 -24.18 24.67 -3.60
C PRO D 110 -25.11 23.59 -4.13
N PHE D 111 -24.93 22.33 -3.70
CA PHE D 111 -25.86 21.27 -4.12
C PHE D 111 -26.42 20.46 -2.95
N ALA D 112 -27.59 19.83 -3.16
CA ALA D 112 -28.00 18.69 -2.31
C ALA D 112 -28.22 17.40 -3.13
N ARG D 113 -27.73 16.26 -2.63
CA ARG D 113 -27.77 15.00 -3.41
C ARG D 113 -28.40 13.78 -2.70
N LEU D 114 -29.20 13.04 -3.45
CA LEU D 114 -29.77 11.79 -2.97
C LEU D 114 -29.36 10.64 -3.87
N ILE D 115 -28.80 9.60 -3.26
CA ILE D 115 -28.28 8.46 -3.99
C ILE D 115 -28.89 7.22 -3.37
N ALA D 116 -29.51 6.40 -4.22
CA ALA D 116 -30.08 5.13 -3.81
C ALA D 116 -29.04 4.03 -3.82
N SER D 117 -29.14 3.14 -2.85
CA SER D 117 -28.38 1.89 -2.85
C SER D 117 -28.67 1.06 -4.10
N THR D 118 -29.72 1.42 -4.82
CA THR D 118 -30.02 0.79 -6.12
C THR D 118 -29.28 1.45 -7.30
N GLY D 119 -28.41 2.41 -6.99
CA GLY D 119 -27.56 3.04 -7.99
C GLY D 119 -28.07 4.39 -8.43
N ASP D 120 -29.38 4.56 -8.39
CA ASP D 120 -30.03 5.79 -8.84
C ASP D 120 -29.58 7.02 -8.03
N SER D 121 -29.64 8.19 -8.65
CA SER D 121 -29.33 9.41 -7.96
C SER D 121 -30.01 10.58 -8.62
N VAL D 122 -30.26 11.59 -7.80
CA VAL D 122 -30.81 12.86 -8.23
C VAL D 122 -30.09 13.91 -7.41
N THR D 123 -29.79 15.05 -8.02
CA THR D 123 -29.16 16.14 -7.29
C THR D 123 -29.80 17.48 -7.65
N THR D 124 -30.08 18.31 -6.64
CA THR D 124 -30.62 19.66 -6.86
C THR D 124 -29.57 20.77 -6.63
N TYR D 125 -29.62 21.82 -7.45
CA TYR D 125 -28.63 22.92 -7.38
C TYR D 125 -29.25 24.32 -7.18
N GLY D 126 -28.75 25.05 -6.19
CA GLY D 126 -29.05 26.49 -6.02
C GLY D 126 -28.10 27.37 -6.84
N GLU D 127 -28.37 28.67 -6.89
CA GLU D 127 -27.53 29.62 -7.65
C GLU D 127 -26.19 29.90 -6.94
N PRO D 128 -25.09 30.05 -7.71
CA PRO D 128 -23.78 30.19 -7.08
C PRO D 128 -23.64 31.44 -6.22
N TRP D 129 -22.82 31.33 -5.18
CA TRP D 129 -22.45 32.47 -4.35
C TRP D 129 -21.04 32.87 -4.69
N ASN D 130 -20.84 34.18 -4.83
CA ASN D 130 -19.59 34.77 -5.28
C ASN D 130 -18.80 35.10 -4.04
N MET D 131 -17.63 34.49 -3.91
CA MET D 131 -16.83 34.62 -2.68
C MET D 131 -15.95 35.88 -2.60
N ASN D 132 -16.21 36.83 -3.48
CA ASN D 132 -15.46 38.09 -3.56
C ASN D 132 -16.36 39.28 -3.90
N GLY E 1 -13.39 30.38 31.53
CA GLY E 1 -14.71 29.68 31.67
C GLY E 1 -15.41 29.36 30.33
N LEU E 2 -16.65 29.83 30.20
CA LEU E 2 -17.36 29.69 28.93
C LEU E 2 -16.78 30.70 28.00
N ASP E 3 -16.09 30.24 26.95
CA ASP E 3 -15.56 31.16 25.94
C ASP E 3 -16.59 31.44 24.82
N ASN E 4 -17.14 30.41 24.20
CA ASN E 4 -18.21 30.59 23.20
C ASN E 4 -19.08 29.36 23.13
N GLU E 5 -20.18 29.43 22.37
CA GLU E 5 -21.06 28.27 22.23
C GLU E 5 -22.02 28.46 21.04
N LEU E 6 -22.53 27.37 20.50
CA LEU E 6 -23.50 27.46 19.42
C LEU E 6 -24.49 26.30 19.42
N SER E 7 -25.68 26.59 18.91
CA SER E 7 -26.74 25.61 18.82
C SER E 7 -27.29 25.40 17.41
N LEU E 8 -27.60 24.14 17.10
CA LEU E 8 -28.26 23.76 15.85
C LEU E 8 -29.49 22.93 16.20
N VAL E 9 -30.63 23.26 15.60
CA VAL E 9 -31.81 22.39 15.67
C VAL E 9 -31.53 21.41 14.57
N ASP E 10 -31.26 20.16 14.92
CA ASP E 10 -30.79 19.22 13.91
C ASP E 10 -31.93 18.62 13.16
N GLY E 11 -31.62 17.75 12.22
CA GLY E 11 -32.58 17.17 11.29
C GLY E 11 -33.55 16.17 11.87
N GLN E 12 -33.37 15.80 13.13
CA GLN E 12 -34.41 15.10 13.88
C GLN E 12 -35.01 15.85 15.06
N ASP E 13 -35.00 17.17 14.95
CA ASP E 13 -35.58 18.07 15.96
C ASP E 13 -34.92 17.82 17.32
N ARG E 14 -33.59 17.67 17.29
CA ARG E 14 -32.78 17.68 18.50
C ARG E 14 -32.02 18.99 18.52
N THR E 15 -32.13 19.70 19.63
CA THR E 15 -31.46 20.97 19.79
C THR E 15 -30.05 20.71 20.32
N LEU E 16 -29.09 20.75 19.39
CA LEU E 16 -27.68 20.46 19.65
C LEU E 16 -26.88 21.71 19.96
N THR E 17 -26.07 21.62 21.02
CA THR E 17 -25.26 22.72 21.51
C THR E 17 -23.81 22.29 21.59
N VAL E 18 -22.89 23.21 21.38
CA VAL E 18 -21.49 22.91 21.70
C VAL E 18 -20.81 24.10 22.34
N GLN E 19 -20.01 23.84 23.37
CA GLN E 19 -19.40 24.92 24.14
C GLN E 19 -17.87 24.83 24.07
N GLN E 20 -17.22 25.99 24.06
CA GLN E 20 -15.75 26.06 24.12
C GLN E 20 -15.38 26.77 25.42
N TRP E 21 -14.63 26.07 26.27
CA TRP E 21 -14.39 26.50 27.66
C TRP E 21 -12.89 26.56 28.02
N ASP E 22 -12.48 27.62 28.71
CA ASP E 22 -11.17 27.69 29.36
C ASP E 22 -10.00 27.58 28.40
N THR E 23 -10.13 28.18 27.22
CA THR E 23 -9.08 28.10 26.21
C THR E 23 -7.92 28.99 26.60
N PHE E 24 -6.72 28.47 26.40
CA PHE E 24 -5.50 29.28 26.45
C PHE E 24 -4.63 28.87 25.30
N LEU E 25 -4.24 29.83 24.47
CA LEU E 25 -3.21 29.58 23.46
C LEU E 25 -1.83 30.14 23.87
N ASN E 26 -1.01 29.30 24.50
CA ASN E 26 0.24 29.71 25.13
C ASN E 26 1.42 29.81 24.15
N GLY E 27 1.76 31.04 23.79
CA GLY E 27 2.90 31.32 22.94
C GLY E 27 4.15 31.33 23.82
N VAL E 28 5.20 30.69 23.34
CA VAL E 28 6.49 30.60 24.03
C VAL E 28 7.58 30.72 22.99
N PHE E 29 8.82 30.93 23.44
CA PHE E 29 9.98 30.94 22.56
C PHE E 29 10.23 29.58 21.94
N PRO E 30 10.58 29.56 20.66
CA PRO E 30 10.65 28.31 19.93
C PRO E 30 11.89 27.60 20.33
N LEU E 31 11.85 26.29 20.27
CA LEU E 31 12.90 25.49 20.82
C LEU E 31 14.03 25.44 19.79
N ASP E 32 13.72 25.85 18.57
CA ASP E 32 14.67 25.85 17.49
C ASP E 32 15.28 27.23 17.22
N ARG E 33 14.93 28.20 18.06
CA ARG E 33 15.50 29.55 18.01
C ARG E 33 15.38 30.25 16.65
N ASN E 34 14.52 29.77 15.78
CA ASN E 34 14.25 30.44 14.52
C ASN E 34 13.11 31.48 14.58
N ARG E 35 13.43 32.74 14.26
CA ARG E 35 12.46 33.86 14.19
C ARG E 35 11.24 33.56 13.31
N LEU E 36 11.39 32.60 12.40
CA LEU E 36 10.34 32.26 11.44
C LEU E 36 9.37 31.27 12.02
N THR E 37 9.68 30.78 13.21
CA THR E 37 8.92 29.65 13.79
C THR E 37 7.99 30.17 14.87
N ARG E 38 6.74 29.80 14.83
CA ARG E 38 5.97 29.92 16.06
C ARG E 38 5.91 28.61 16.85
N GLU E 39 5.86 28.66 18.19
CA GLU E 39 5.51 27.49 19.09
C GLU E 39 4.44 28.02 20.10
N TRP E 40 3.28 27.39 20.18
CA TRP E 40 2.29 27.65 21.27
C TRP E 40 2.15 26.24 21.96
N PHE E 41 1.42 26.21 23.06
CA PHE E 41 0.70 25.01 23.48
C PHE E 41 -0.83 25.41 23.58
N HIS E 42 -1.73 24.47 23.26
CA HIS E 42 -3.20 24.59 23.33
C HIS E 42 -3.71 24.11 24.68
N SER E 43 -4.55 24.91 25.31
CA SER E 43 -5.27 24.43 26.51
C SER E 43 -6.78 24.72 26.34
N GLY E 44 -7.64 24.01 27.07
CA GLY E 44 -9.10 24.30 27.03
C GLY E 44 -10.05 23.13 27.15
N ARG E 45 -11.35 23.37 27.05
CA ARG E 45 -12.35 22.28 27.17
C ARG E 45 -13.56 22.45 26.23
N ALA E 46 -13.89 21.40 25.49
CA ALA E 46 -15.17 21.37 24.77
C ALA E 46 -16.26 20.68 25.62
N LYS E 47 -17.45 21.24 25.56
CA LYS E 47 -18.68 20.62 26.11
C LYS E 47 -19.77 20.62 25.05
N TYR E 48 -20.59 19.59 25.09
CA TYR E 48 -21.73 19.49 24.21
C TYR E 48 -22.96 19.21 25.06
N ILE E 49 -24.13 19.49 24.50
CA ILE E 49 -25.40 19.10 25.12
C ILE E 49 -26.40 18.82 24.03
N VAL E 50 -27.38 17.95 24.32
CA VAL E 50 -28.52 17.66 23.42
C VAL E 50 -29.84 17.39 24.13
N ALA E 51 -30.80 18.31 23.98
CA ALA E 51 -32.21 18.07 24.36
C ALA E 51 -33.09 17.69 23.14
N GLY E 52 -34.22 17.04 23.39
CA GLY E 52 -35.16 16.61 22.34
C GLY E 52 -35.47 15.12 22.35
N PRO E 53 -36.34 14.66 21.41
CA PRO E 53 -36.58 13.25 21.18
C PRO E 53 -35.32 12.38 21.07
N GLY E 54 -35.04 11.63 22.12
CA GLY E 54 -34.01 10.62 22.08
C GLY E 54 -32.68 11.10 22.60
N ALA E 55 -32.74 12.21 23.33
CA ALA E 55 -31.55 12.85 23.89
C ALA E 55 -30.56 11.89 24.60
N ASP E 56 -31.09 11.03 25.49
CA ASP E 56 -30.28 10.06 26.27
C ASP E 56 -29.85 8.81 25.44
N GLU E 57 -30.02 8.89 24.12
CA GLU E 57 -29.59 7.82 23.22
C GLU E 57 -28.78 8.34 21.99
N PHE E 58 -28.40 9.63 22.03
CA PHE E 58 -27.57 10.29 21.01
C PHE E 58 -26.20 9.64 20.90
N GLU E 59 -25.81 9.37 19.65
CA GLU E 59 -24.44 8.98 19.31
C GLU E 59 -23.85 10.02 18.38
N GLY E 60 -22.64 10.46 18.70
CA GLY E 60 -21.87 11.33 17.81
C GLY E 60 -20.43 11.34 18.23
N THR E 61 -19.75 12.41 17.85
CA THR E 61 -18.35 12.62 18.16
C THR E 61 -18.24 14.06 18.69
N LEU E 62 -17.32 14.28 19.63
CA LEU E 62 -16.91 15.62 20.13
C LEU E 62 -15.42 15.98 19.79
N GLU E 63 -15.20 17.14 19.17
CA GLU E 63 -13.84 17.54 18.78
C GLU E 63 -13.51 18.91 19.31
N LEU E 64 -12.22 19.22 19.34
CA LEU E 64 -11.70 20.53 19.78
C LEU E 64 -10.29 20.72 19.19
N GLY E 65 -10.05 21.89 18.60
CA GLY E 65 -8.74 22.18 18.02
C GLY E 65 -8.56 23.64 17.68
N TYR E 66 -8.02 23.88 16.47
CA TYR E 66 -7.87 25.23 15.93
C TYR E 66 -7.44 25.17 14.48
N GLN E 67 -7.57 26.32 13.80
CA GLN E 67 -7.03 26.48 12.45
C GLN E 67 -5.79 27.32 12.55
N ILE E 68 -4.81 27.01 11.72
CA ILE E 68 -3.54 27.72 11.70
C ILE E 68 -3.60 28.57 10.46
N GLY E 69 -3.47 29.88 10.63
CA GLY E 69 -3.52 30.77 9.50
C GLY E 69 -2.19 31.46 9.37
N GLY E 70 -1.42 31.02 8.38
CA GLY E 70 -0.06 31.54 8.14
C GLY E 70 0.55 30.99 6.84
N PRO E 71 1.28 29.85 6.92
CA PRO E 71 1.76 29.19 5.68
C PRO E 71 0.62 28.76 4.75
N GLY E 72 -0.59 29.06 5.20
CA GLY E 72 -1.80 28.65 4.52
C GLY E 72 -2.79 28.34 5.64
N ILE E 73 -3.95 27.77 5.29
CA ILE E 73 -4.93 27.41 6.29
C ILE E 73 -5.01 25.90 6.43
N GLN E 74 -4.66 25.41 7.61
CA GLN E 74 -4.72 23.98 7.97
C GLN E 74 -5.46 23.83 9.31
N GLU E 75 -6.31 22.81 9.42
CA GLU E 75 -7.04 22.53 10.67
C GLU E 75 -6.35 21.46 11.55
N VAL E 76 -6.16 21.76 12.82
CA VAL E 76 -5.61 20.81 13.78
C VAL E 76 -6.63 20.36 14.83
N ALA E 77 -6.93 19.06 14.81
CA ALA E 77 -7.82 18.45 15.80
C ALA E 77 -7.03 18.04 17.03
N THR E 78 -7.09 18.80 18.11
CA THR E 78 -6.30 18.40 19.28
C THR E 78 -6.79 17.02 19.74
N PHE E 79 -8.11 16.91 19.94
CA PHE E 79 -8.76 15.60 20.17
C PHE E 79 -10.04 15.41 19.32
N SER E 80 -10.42 14.15 19.12
CA SER E 80 -11.59 13.80 18.27
C SER E 80 -12.13 12.50 18.79
N VAL E 81 -13.36 12.50 19.31
CA VAL E 81 -13.79 11.40 20.18
C VAL E 81 -15.28 11.08 20.29
N ASP E 82 -15.59 9.81 20.01
CA ASP E 82 -16.93 9.23 20.12
C ASP E 82 -17.62 9.37 21.49
N VAL E 83 -18.75 10.10 21.50
CA VAL E 83 -19.54 10.33 22.72
C VAL E 83 -20.91 9.64 22.65
N SER E 84 -21.56 9.54 23.80
CA SER E 84 -22.90 8.94 23.92
C SER E 84 -23.60 9.57 25.09
N GLY E 85 -24.92 9.68 24.99
CA GLY E 85 -25.69 10.23 26.08
C GLY E 85 -25.94 11.69 25.81
N ALA E 86 -26.88 12.25 26.57
CA ALA E 86 -27.36 13.60 26.35
C ALA E 86 -26.32 14.66 26.61
N GLU E 87 -25.34 14.34 27.47
CA GLU E 87 -24.32 15.30 27.90
C GLU E 87 -22.92 14.73 28.07
N GLY E 88 -21.96 15.63 28.26
CA GLY E 88 -20.58 15.28 28.56
C GLY E 88 -19.63 16.29 27.96
N GLY E 89 -18.35 16.14 28.23
CA GLY E 89 -17.38 17.03 27.60
C GLY E 89 -15.98 16.72 28.00
N VAL E 90 -15.08 16.73 27.03
CA VAL E 90 -13.67 16.43 27.29
C VAL E 90 -12.74 17.63 27.24
N ALA E 91 -11.79 17.63 28.17
CA ALA E 91 -10.93 18.76 28.45
C ALA E 91 -9.45 18.42 28.20
N VAL E 92 -8.69 19.42 27.78
CA VAL E 92 -7.27 19.20 27.42
C VAL E 92 -6.32 20.20 28.09
N SER E 93 -5.23 19.72 28.64
CA SER E 93 -4.18 20.63 29.04
C SER E 93 -2.88 20.42 28.28
N ASN E 94 -2.30 21.50 27.81
CA ASN E 94 -0.98 21.49 27.18
C ASN E 94 -0.84 20.57 25.99
N ALA E 95 -1.69 20.77 24.99
CA ALA E 95 -1.38 20.30 23.66
C ALA E 95 -0.12 21.01 23.20
N HIS E 96 0.63 20.42 22.29
CA HIS E 96 1.81 21.09 21.70
C HIS E 96 1.45 21.51 20.28
N GLY E 97 1.80 22.73 19.92
CA GLY E 97 1.63 23.19 18.53
C GLY E 97 2.89 23.90 18.07
N THR E 98 3.11 23.92 16.77
CA THR E 98 4.23 24.69 16.21
C THR E 98 4.12 24.81 14.70
N VAL E 99 4.69 25.88 14.16
CA VAL E 99 4.78 26.04 12.69
C VAL E 99 5.86 27.01 12.25
N THR E 100 6.40 26.76 11.07
CA THR E 100 7.56 27.50 10.60
C THR E 100 7.27 28.04 9.22
N GLY E 101 8.20 28.83 8.68
CA GLY E 101 7.96 29.60 7.46
C GLY E 101 7.11 30.82 7.79
N ALA E 102 7.04 31.13 9.08
CA ALA E 102 6.07 32.09 9.60
C ALA E 102 6.56 33.46 9.22
N ALA E 103 6.15 33.86 8.02
CA ALA E 103 6.59 35.11 7.45
C ALA E 103 5.67 36.19 7.99
N GLY E 104 6.13 36.92 9.00
CA GLY E 104 5.32 37.94 9.70
C GLY E 104 4.12 37.34 10.40
N GLY E 105 4.24 37.10 11.72
CA GLY E 105 3.10 36.68 12.56
C GLY E 105 2.39 35.37 12.20
N VAL E 106 1.51 34.89 13.10
CA VAL E 106 0.69 33.69 12.85
C VAL E 106 -0.60 33.80 13.65
N LEU E 107 -1.76 33.76 12.98
CA LEU E 107 -3.07 33.75 13.67
C LEU E 107 -3.69 32.36 13.89
N LEU E 108 -4.42 32.24 14.99
CA LEU E 108 -5.05 30.98 15.42
C LEU E 108 -6.55 31.07 15.73
N ARG E 109 -7.40 30.38 14.96
CA ARG E 109 -8.84 30.28 15.29
C ARG E 109 -9.14 28.96 15.99
N PRO E 110 -9.45 29.01 17.28
CA PRO E 110 -9.92 27.81 17.99
C PRO E 110 -11.41 27.50 17.86
N PHE E 111 -11.75 26.23 17.60
CA PHE E 111 -13.13 25.77 17.44
C PHE E 111 -13.47 24.60 18.38
N ALA E 112 -14.71 24.57 18.89
CA ALA E 112 -15.26 23.33 19.45
C ALA E 112 -16.42 22.72 18.58
N ARG E 113 -16.43 21.38 18.42
CA ARG E 113 -17.35 20.71 17.46
C ARG E 113 -18.24 19.52 17.95
N LEU E 114 -19.51 19.59 17.59
CA LEU E 114 -20.39 18.46 17.81
C LEU E 114 -20.93 17.92 16.48
N ILE E 115 -20.54 16.67 16.15
CA ILE E 115 -20.99 15.98 14.93
C ILE E 115 -21.75 14.76 15.38
N ALA E 116 -22.91 14.52 14.80
CA ALA E 116 -23.71 13.38 15.19
C ALA E 116 -23.63 12.25 14.16
N SER E 117 -23.72 11.01 14.64
CA SER E 117 -23.80 9.78 13.81
C SER E 117 -24.92 9.82 12.77
N THR E 118 -25.78 10.83 12.87
CA THR E 118 -26.88 11.03 11.94
C THR E 118 -26.47 12.05 10.85
N GLY E 119 -25.17 12.36 10.82
CA GLY E 119 -24.58 13.23 9.79
C GLY E 119 -24.47 14.68 10.16
N ASP E 120 -25.34 15.14 11.08
CA ASP E 120 -25.48 16.55 11.46
C ASP E 120 -24.31 17.01 12.31
N SER E 121 -23.97 18.28 12.18
CA SER E 121 -22.87 18.82 12.92
C SER E 121 -23.12 20.27 13.18
N VAL E 122 -22.49 20.76 14.24
CA VAL E 122 -22.45 22.17 14.57
C VAL E 122 -21.03 22.49 15.10
N THR E 123 -20.47 23.64 14.75
CA THR E 123 -19.19 24.03 15.30
C THR E 123 -19.28 25.43 15.88
N THR E 124 -18.78 25.59 17.11
CA THR E 124 -18.59 26.92 17.76
C THR E 124 -17.16 27.41 17.66
N TYR E 125 -17.00 28.60 17.08
CA TYR E 125 -15.67 29.21 16.87
C TYR E 125 -15.49 30.36 17.80
N GLY E 126 -14.26 30.50 18.29
CA GLY E 126 -13.89 31.58 19.17
C GLY E 126 -13.08 32.63 18.43
N GLU E 127 -12.70 33.68 19.15
CA GLU E 127 -11.89 34.76 18.58
C GLU E 127 -10.42 34.38 18.49
N PRO E 128 -9.83 34.60 17.32
CA PRO E 128 -8.42 34.29 17.02
C PRO E 128 -7.39 34.80 18.04
N TRP E 129 -6.33 34.04 18.27
CA TRP E 129 -5.18 34.56 19.03
C TRP E 129 -4.03 34.76 18.06
N ASN E 130 -3.21 35.77 18.30
CA ASN E 130 -2.12 36.14 17.40
C ASN E 130 -0.79 35.73 18.04
N MET E 131 -0.23 34.64 17.55
CA MET E 131 1.08 34.17 18.01
C MET E 131 2.10 35.15 17.42
N ASN E 132 2.40 36.23 18.14
CA ASN E 132 3.43 37.19 17.73
C ASN E 132 3.19 38.54 18.40
N GLY F 1 14.85 12.23 41.42
CA GLY F 1 13.47 11.73 41.56
C GLY F 1 12.43 12.41 40.70
N LEU F 2 11.44 12.98 41.35
CA LEU F 2 10.41 13.76 40.68
C LEU F 2 10.95 15.04 40.08
N ASP F 3 10.99 15.07 38.76
CA ASP F 3 11.45 16.26 38.04
C ASP F 3 10.32 17.28 37.99
N ASN F 4 9.17 16.84 37.49
CA ASN F 4 7.99 17.70 37.33
C ASN F 4 6.70 16.89 37.23
N GLU F 5 5.58 17.60 37.17
CA GLU F 5 4.29 16.94 37.24
C GLU F 5 3.30 17.99 36.86
N LEU F 6 2.15 17.57 36.32
CA LEU F 6 1.00 18.46 36.24
C LEU F 6 -0.27 17.69 36.58
N SER F 7 -1.33 18.42 36.89
CA SER F 7 -2.65 17.81 37.11
C SER F 7 -3.75 18.50 36.32
N LEU F 8 -4.69 17.70 35.82
CA LEU F 8 -5.86 18.14 35.08
C LEU F 8 -7.10 17.40 35.57
N VAL F 9 -8.18 18.13 35.84
CA VAL F 9 -9.46 17.52 36.25
C VAL F 9 -10.25 17.29 34.98
N ASP F 10 -10.49 16.03 34.68
CA ASP F 10 -11.03 15.63 33.40
C ASP F 10 -12.54 15.60 33.37
N GLY F 11 -13.09 15.49 32.17
CA GLY F 11 -14.41 15.99 31.86
C GLY F 11 -15.45 15.13 32.53
N GLN F 12 -15.01 14.00 33.05
CA GLN F 12 -15.86 13.11 33.84
C GLN F 12 -15.58 13.21 35.34
N ASP F 13 -14.97 14.32 35.75
CA ASP F 13 -14.75 14.66 37.15
C ASP F 13 -13.72 13.77 37.86
N ARG F 14 -12.74 13.29 37.09
CA ARG F 14 -11.55 12.60 37.62
C ARG F 14 -10.34 13.54 37.70
N THR F 15 -9.71 13.61 38.86
CA THR F 15 -8.49 14.42 39.05
C THR F 15 -7.21 13.70 38.53
N LEU F 16 -6.96 13.85 37.22
CA LEU F 16 -5.81 13.27 36.52
C LEU F 16 -4.48 13.94 36.78
N THR F 17 -3.50 13.14 37.21
CA THR F 17 -2.10 13.59 37.39
C THR F 17 -1.12 12.87 36.42
N VAL F 18 0.03 13.51 36.20
CA VAL F 18 1.11 12.96 35.37
C VAL F 18 2.41 13.46 35.99
N GLN F 19 3.38 12.56 36.17
CA GLN F 19 4.70 12.90 36.73
C GLN F 19 5.82 12.53 35.75
N GLN F 20 6.98 13.21 35.88
CA GLN F 20 8.16 12.94 35.02
C GLN F 20 9.44 12.85 35.82
N TRP F 21 9.97 11.63 35.91
CA TRP F 21 11.00 11.25 36.88
C TRP F 21 12.36 10.97 36.30
N ASP F 22 13.42 11.29 37.03
CA ASP F 22 14.79 10.75 36.83
C ASP F 22 15.49 11.09 35.52
N THR F 23 15.02 12.12 34.84
CA THR F 23 15.40 12.40 33.47
C THR F 23 16.91 12.49 33.30
N PHE F 24 17.41 11.87 32.24
CA PHE F 24 18.74 12.15 31.73
C PHE F 24 18.76 12.19 30.19
N LEU F 25 19.45 13.19 29.65
CA LEU F 25 19.68 13.24 28.21
C LEU F 25 21.15 13.35 28.03
N ASN F 26 21.79 12.20 27.98
CA ASN F 26 23.22 12.12 27.93
C ASN F 26 23.69 12.51 26.55
N GLY F 27 24.32 13.66 26.41
CA GLY F 27 24.82 14.03 25.09
C GLY F 27 26.18 13.41 24.87
N VAL F 28 26.47 12.96 23.64
CA VAL F 28 27.79 12.35 23.40
C VAL F 28 28.44 12.76 22.10
N PHE F 29 29.72 12.40 21.97
CA PHE F 29 30.47 12.67 20.75
C PHE F 29 29.93 11.77 19.62
N PRO F 30 29.55 12.38 18.47
CA PRO F 30 28.91 11.74 17.32
C PRO F 30 29.77 10.68 16.64
N LEU F 31 29.16 9.53 16.40
CA LEU F 31 29.82 8.36 15.84
C LEU F 31 30.13 8.56 14.36
N ASP F 32 29.46 9.51 13.73
CA ASP F 32 29.82 9.91 12.38
C ASP F 32 30.96 10.92 12.32
N ARG F 33 31.40 11.39 13.47
CA ARG F 33 32.46 12.39 13.59
C ARG F 33 32.11 13.68 12.92
N ASN F 34 30.83 13.90 12.72
CA ASN F 34 30.35 15.08 12.05
C ASN F 34 30.15 16.17 13.07
N ARG F 35 30.67 17.35 12.77
CA ARG F 35 30.46 18.53 13.58
C ARG F 35 29.02 19.03 13.63
N LEU F 36 28.19 18.55 12.72
CA LEU F 36 26.82 19.05 12.55
C LEU F 36 25.83 18.07 13.11
N THR F 37 26.32 16.91 13.50
CA THR F 37 25.51 15.87 14.09
C THR F 37 25.53 16.03 15.58
N ARG F 38 24.39 15.80 16.23
CA ARG F 38 24.35 15.62 17.68
C ARG F 38 23.88 14.20 17.94
N GLU F 39 24.56 13.50 18.87
CA GLU F 39 24.11 12.16 19.31
C GLU F 39 23.83 12.06 20.82
N TRP F 40 22.68 11.48 21.21
CA TRP F 40 22.31 11.39 22.65
C TRP F 40 21.60 10.11 23.14
N PHE F 41 21.46 10.00 24.47
CA PHE F 41 20.74 8.89 25.11
C PHE F 41 19.71 9.37 26.15
N HIS F 42 18.44 8.99 25.96
CA HIS F 42 17.36 9.34 26.91
C HIS F 42 17.38 8.29 28.00
N SER F 43 17.29 8.74 29.24
CA SER F 43 16.80 7.91 30.29
C SER F 43 15.74 8.72 31.05
N GLY F 44 14.84 8.02 31.76
CA GLY F 44 13.77 8.68 32.52
C GLY F 44 12.58 7.80 32.80
N ARG F 45 11.61 8.36 33.54
CA ARG F 45 10.47 7.58 33.97
C ARG F 45 9.19 8.41 34.01
N ALA F 46 8.14 7.86 33.44
CA ALA F 46 6.85 8.45 33.53
C ALA F 46 6.10 7.68 34.59
N LYS F 47 5.15 8.36 35.25
CA LYS F 47 4.13 7.74 36.11
C LYS F 47 2.88 8.63 36.15
N TYR F 48 1.80 8.06 36.65
CA TYR F 48 0.56 8.77 36.61
C TYR F 48 -0.34 8.32 37.75
N ILE F 49 -1.32 9.17 38.05
CA ILE F 49 -2.23 8.97 39.16
C ILE F 49 -3.58 9.53 38.74
N VAL F 50 -4.59 8.67 38.79
CA VAL F 50 -5.97 9.09 38.72
C VAL F 50 -6.66 8.85 40.08
N ALA F 51 -7.47 9.83 40.47
CA ALA F 51 -8.33 9.75 41.63
C ALA F 51 -9.73 10.24 41.21
N GLY F 52 -10.70 9.99 42.08
CA GLY F 52 -12.07 10.45 41.87
C GLY F 52 -12.94 9.35 41.30
N PRO F 53 -14.23 9.67 41.07
CA PRO F 53 -15.21 8.69 40.63
C PRO F 53 -14.75 7.79 39.47
N GLY F 54 -14.55 6.50 39.77
CA GLY F 54 -14.33 5.47 38.75
C GLY F 54 -12.89 5.22 38.39
N ALA F 55 -12.00 5.42 39.38
CA ALA F 55 -10.53 5.35 39.23
C ALA F 55 -9.93 3.98 38.91
N ASP F 56 -10.40 2.92 39.58
CA ASP F 56 -9.86 1.55 39.37
C ASP F 56 -10.32 0.94 38.03
N GLU F 57 -11.21 1.66 37.33
CA GLU F 57 -11.74 1.31 36.00
C GLU F 57 -11.25 2.22 34.84
N PHE F 58 -10.02 2.71 34.96
CA PHE F 58 -9.43 3.65 34.01
C PHE F 58 -8.73 2.96 32.83
N GLU F 59 -9.02 3.48 31.62
CA GLU F 59 -8.30 3.14 30.38
C GLU F 59 -7.71 4.41 29.72
N GLY F 60 -6.41 4.38 29.45
CA GLY F 60 -5.72 5.49 28.84
C GLY F 60 -4.35 5.06 28.36
N THR F 61 -3.46 6.02 28.16
CA THR F 61 -2.12 5.77 27.60
C THR F 61 -1.13 6.67 28.32
N LEU F 62 0.09 6.17 28.49
CA LEU F 62 1.17 6.95 29.08
C LEU F 62 2.26 7.18 28.04
N GLU F 63 2.91 8.35 28.09
CA GLU F 63 4.04 8.61 27.18
C GLU F 63 5.18 9.32 27.89
N LEU F 64 6.38 9.19 27.30
CA LEU F 64 7.62 9.86 27.73
C LEU F 64 8.47 10.09 26.46
N GLY F 65 9.00 11.30 26.32
CA GLY F 65 9.87 11.60 25.21
C GLY F 65 10.36 13.03 25.27
N TYR F 66 10.69 13.57 24.10
CA TYR F 66 11.09 14.98 23.97
C TYR F 66 10.68 15.53 22.60
N GLN F 67 10.56 16.85 22.52
CA GLN F 67 10.58 17.54 21.23
C GLN F 67 12.07 17.77 20.93
N ILE F 68 12.45 17.69 19.65
CA ILE F 68 13.77 18.14 19.21
C ILE F 68 13.65 19.49 18.53
N GLY F 69 14.42 20.46 19.00
CA GLY F 69 14.44 21.80 18.43
C GLY F 69 15.80 22.12 17.82
N GLY F 70 15.80 22.47 16.54
CA GLY F 70 16.98 23.02 15.89
C GLY F 70 16.88 23.01 14.37
N PRO F 71 17.01 21.82 13.79
CA PRO F 71 16.66 21.60 12.38
C PRO F 71 15.18 21.83 12.04
N GLY F 72 14.41 22.40 12.96
CA GLY F 72 12.96 22.29 12.95
C GLY F 72 12.48 21.96 14.34
N ILE F 73 11.19 21.70 14.49
CA ILE F 73 10.70 21.17 15.75
C ILE F 73 9.96 19.87 15.44
N GLN F 74 10.41 18.79 16.10
CA GLN F 74 9.88 17.44 15.93
C GLN F 74 9.69 16.72 17.27
N GLU F 75 8.54 16.05 17.44
CA GLU F 75 8.27 15.29 18.66
C GLU F 75 8.67 13.81 18.55
N VAL F 76 9.54 13.36 19.47
CA VAL F 76 9.89 11.93 19.60
C VAL F 76 9.30 11.30 20.88
N ALA F 77 8.49 10.27 20.70
CA ALA F 77 8.00 9.47 21.82
C ALA F 77 8.92 8.27 21.99
N THR F 78 9.79 8.40 22.98
CA THR F 78 10.70 7.33 23.37
C THR F 78 9.92 6.06 23.71
N PHE F 79 8.84 6.23 24.45
CA PHE F 79 7.87 5.15 24.62
C PHE F 79 6.43 5.66 24.60
N SER F 80 5.50 4.78 24.24
CA SER F 80 4.06 5.07 24.18
C SER F 80 3.25 3.78 24.37
N VAL F 81 2.43 3.74 25.42
CA VAL F 81 1.96 2.46 25.96
C VAL F 81 0.59 2.48 26.61
N ASP F 82 -0.17 1.43 26.36
CA ASP F 82 -1.52 1.28 26.88
C ASP F 82 -1.49 0.98 28.39
N VAL F 83 -2.44 1.55 29.13
CA VAL F 83 -2.50 1.41 30.58
C VAL F 83 -3.93 1.41 31.16
N SER F 84 -4.12 0.62 32.22
CA SER F 84 -5.42 0.43 32.89
C SER F 84 -5.24 0.30 34.41
N GLY F 85 -6.28 0.66 35.17
CA GLY F 85 -6.14 0.74 36.63
C GLY F 85 -5.70 2.14 37.07
N ALA F 86 -5.79 2.38 38.40
CA ALA F 86 -5.72 3.74 38.97
C ALA F 86 -4.31 4.33 39.14
N GLU F 87 -3.30 3.49 39.02
CA GLU F 87 -1.90 3.92 39.02
C GLU F 87 -1.04 3.03 38.12
N GLY F 88 0.05 3.59 37.62
CA GLY F 88 1.00 2.84 36.79
C GLY F 88 2.25 3.66 36.58
N GLY F 89 3.12 3.19 35.71
CA GLY F 89 4.33 3.94 35.35
C GLY F 89 5.35 3.05 34.70
N VAL F 90 6.19 3.62 33.82
CA VAL F 90 7.20 2.85 33.05
C VAL F 90 8.54 3.59 32.83
N ALA F 91 9.62 2.83 32.63
CA ALA F 91 10.96 3.41 32.72
C ALA F 91 11.87 3.05 31.54
N VAL F 92 12.86 3.90 31.29
CA VAL F 92 13.78 3.75 30.15
C VAL F 92 15.17 4.21 30.54
N SER F 93 16.14 3.34 30.25
CA SER F 93 17.55 3.56 30.51
C SER F 93 18.24 3.41 29.16
N ASN F 94 18.97 4.45 28.73
CA ASN F 94 19.65 4.46 27.41
C ASN F 94 18.81 4.23 26.10
N ALA F 95 17.69 4.96 25.91
CA ALA F 95 17.09 5.05 24.55
C ALA F 95 18.06 5.83 23.66
N HIS F 96 18.08 5.62 22.35
CA HIS F 96 19.10 6.30 21.51
C HIS F 96 18.55 7.39 20.60
N GLY F 97 19.22 8.55 20.53
CA GLY F 97 18.87 9.67 19.63
C GLY F 97 20.10 10.32 18.94
N THR F 98 19.89 10.95 17.80
CA THR F 98 20.95 11.43 16.90
C THR F 98 20.09 12.36 16.00
N VAL F 99 20.58 13.56 15.68
CA VAL F 99 19.99 14.37 14.61
C VAL F 99 21.19 15.07 13.90
N THR F 100 20.99 15.54 12.68
CA THR F 100 22.05 16.21 11.93
C THR F 100 21.48 17.37 11.13
N GLY F 101 22.35 18.09 10.42
CA GLY F 101 21.98 19.35 9.81
C GLY F 101 22.00 20.51 10.80
N ALA F 102 22.62 20.28 11.95
CA ALA F 102 22.39 21.11 13.13
C ALA F 102 23.19 22.42 13.05
N ALA F 103 22.49 23.52 12.89
CA ALA F 103 23.13 24.80 12.61
C ALA F 103 23.81 25.41 13.84
N GLY F 104 24.53 24.57 14.57
CA GLY F 104 24.99 24.95 15.91
C GLY F 104 23.78 24.93 16.83
N GLY F 105 23.93 24.29 17.98
CA GLY F 105 22.85 24.21 18.95
C GLY F 105 21.81 23.16 18.63
N VAL F 106 21.55 22.29 19.58
CA VAL F 106 20.27 21.59 19.59
C VAL F 106 19.67 21.63 21.00
N LEU F 107 18.49 22.22 21.10
CA LEU F 107 17.81 22.22 22.37
C LEU F 107 16.87 21.04 22.48
N LEU F 108 16.67 20.54 23.69
CA LEU F 108 15.85 19.36 23.91
C LEU F 108 14.76 19.55 24.99
N ARG F 109 13.46 19.43 24.63
CA ARG F 109 12.32 19.59 25.59
C ARG F 109 11.63 18.32 26.08
N PRO F 110 12.04 17.81 27.26
CA PRO F 110 11.59 16.51 27.81
C PRO F 110 10.19 16.55 28.39
N PHE F 111 9.35 15.56 28.07
CA PHE F 111 7.95 15.57 28.53
C PHE F 111 7.41 14.24 29.07
N ALA F 112 6.40 14.31 29.93
CA ALA F 112 5.58 13.13 30.20
C ALA F 112 4.08 13.42 30.02
N ARG F 113 3.43 12.48 29.34
CA ARG F 113 2.05 12.61 28.92
C ARG F 113 1.24 11.39 29.33
N LEU F 114 0.10 11.65 29.99
CA LEU F 114 -0.98 10.67 30.18
C LEU F 114 -2.19 11.05 29.37
N ILE F 115 -2.61 10.17 28.48
CA ILE F 115 -3.76 10.40 27.62
C ILE F 115 -4.85 9.48 28.11
N ALA F 116 -6.08 9.99 28.13
CA ALA F 116 -7.27 9.22 28.49
C ALA F 116 -8.10 8.77 27.30
N SER F 117 -8.50 7.50 27.28
CA SER F 117 -9.34 6.93 26.24
C SER F 117 -10.68 7.64 26.07
N THR F 118 -11.05 8.45 27.07
CA THR F 118 -12.24 9.31 26.98
C THR F 118 -11.97 10.61 26.25
N GLY F 119 -10.81 10.65 25.56
CA GLY F 119 -10.39 11.80 24.74
C GLY F 119 -9.55 12.81 25.48
N ASP F 120 -9.56 12.74 26.82
CA ASP F 120 -8.87 13.72 27.63
C ASP F 120 -7.38 13.42 27.66
N SER F 121 -6.59 14.44 28.04
CA SER F 121 -5.14 14.31 28.19
C SER F 121 -4.55 15.45 29.02
N VAL F 122 -3.44 15.15 29.68
CA VAL F 122 -2.68 16.14 30.42
C VAL F 122 -1.17 15.87 30.14
N THR F 123 -0.36 16.92 29.99
CA THR F 123 1.10 16.70 29.79
C THR F 123 2.10 17.64 30.53
N THR F 124 2.97 17.03 31.35
CA THR F 124 3.97 17.79 32.13
C THR F 124 5.30 18.00 31.36
N TYR F 125 5.78 19.23 31.34
CA TYR F 125 7.03 19.54 30.66
C TYR F 125 8.09 19.95 31.69
N GLY F 126 9.32 19.57 31.38
CA GLY F 126 10.49 20.00 32.14
C GLY F 126 11.26 21.05 31.38
N GLU F 127 12.38 21.46 31.95
CA GLU F 127 13.16 22.55 31.38
C GLU F 127 14.07 21.94 30.36
N PRO F 128 14.05 22.48 29.13
CA PRO F 128 14.88 22.09 27.99
C PRO F 128 16.34 21.79 28.33
N TRP F 129 16.87 20.67 27.83
CA TRP F 129 18.33 20.40 27.87
C TRP F 129 19.10 20.87 26.61
N ASN F 130 20.32 21.41 26.82
CA ASN F 130 21.17 21.92 25.72
C ASN F 130 22.22 20.89 25.26
N MET F 131 22.03 20.39 24.03
CA MET F 131 22.88 19.32 23.52
C MET F 131 24.26 19.77 23.04
N ASN F 132 24.62 21.03 23.29
CA ASN F 132 25.95 21.54 22.89
C ASN F 132 26.69 22.38 23.96
N GLY G 1 34.26 -13.31 27.24
CA GLY G 1 33.34 -13.26 28.42
C GLY G 1 32.56 -11.96 28.43
N LEU G 2 32.01 -11.61 29.60
CA LEU G 2 31.18 -10.42 29.76
C LEU G 2 31.95 -9.17 29.37
N ASP G 3 31.42 -8.44 28.39
CA ASP G 3 31.98 -7.14 28.00
C ASP G 3 31.41 -6.04 28.89
N ASN G 4 30.09 -6.08 29.08
CA ASN G 4 29.33 -5.03 29.77
C ASN G 4 27.89 -5.45 30.03
N GLU G 5 27.19 -4.64 30.82
CA GLU G 5 25.84 -4.95 31.30
C GLU G 5 25.25 -3.73 31.98
N LEU G 6 23.93 -3.71 32.07
CA LEU G 6 23.23 -2.65 32.80
C LEU G 6 21.96 -3.22 33.41
N SER G 7 21.56 -2.65 34.55
CA SER G 7 20.32 -3.02 35.24
C SER G 7 19.36 -1.83 35.27
N LEU G 8 18.07 -2.13 35.37
CA LEU G 8 17.05 -1.10 35.47
C LEU G 8 15.99 -1.60 36.42
N VAL G 9 15.43 -0.69 37.21
CA VAL G 9 14.36 -1.05 38.10
C VAL G 9 13.12 -0.59 37.38
N ASP G 10 12.34 -1.50 36.81
CA ASP G 10 11.30 -1.06 35.86
C ASP G 10 10.07 -0.55 36.61
N GLY G 11 9.04 -0.17 35.87
CA GLY G 11 7.77 0.32 36.42
C GLY G 11 7.01 -0.56 37.39
N GLN G 12 7.40 -1.85 37.48
CA GLN G 12 6.80 -2.77 38.47
C GLN G 12 7.73 -3.53 39.47
N ASP G 13 8.82 -2.85 39.83
CA ASP G 13 9.85 -3.33 40.77
C ASP G 13 10.50 -4.70 40.44
N ARG G 14 10.45 -5.07 39.15
CA ARG G 14 11.31 -6.14 38.63
C ARG G 14 12.66 -5.52 38.34
N THR G 15 13.74 -6.18 38.78
CA THR G 15 15.09 -5.73 38.42
C THR G 15 15.49 -6.37 37.10
N LEU G 16 15.42 -5.55 36.06
CA LEU G 16 15.79 -5.97 34.73
C LEU G 16 17.28 -5.75 34.52
N THR G 17 17.96 -6.84 34.17
CA THR G 17 19.37 -6.82 33.76
C THR G 17 19.51 -7.20 32.27
N VAL G 18 20.45 -6.61 31.55
CA VAL G 18 20.76 -7.05 30.17
C VAL G 18 22.27 -7.14 29.97
N GLN G 19 22.72 -8.18 29.27
CA GLN G 19 24.16 -8.49 29.15
C GLN G 19 24.66 -8.69 27.71
N GLN G 20 25.98 -8.49 27.53
CA GLN G 20 26.61 -8.60 26.21
C GLN G 20 27.99 -9.25 26.36
N TRP G 21 28.15 -10.42 25.75
CA TRP G 21 29.34 -11.28 25.93
C TRP G 21 30.01 -11.62 24.59
N ASP G 22 31.34 -11.79 24.63
CA ASP G 22 32.07 -12.43 23.55
C ASP G 22 32.10 -11.71 22.22
N THR G 23 32.04 -10.39 22.29
CA THR G 23 31.83 -9.57 21.12
C THR G 23 33.06 -9.61 20.23
N PHE G 24 32.82 -9.63 18.93
CA PHE G 24 33.85 -9.49 17.91
C PHE G 24 33.26 -8.77 16.68
N LEU G 25 33.89 -7.69 16.24
CA LEU G 25 33.52 -7.07 14.99
C LEU G 25 34.61 -7.29 13.95
N ASN G 26 34.49 -8.37 13.18
CA ASN G 26 35.59 -8.80 12.31
C ASN G 26 35.71 -8.00 11.02
N GLY G 27 36.58 -7.01 11.01
CA GLY G 27 36.79 -6.18 9.82
C GLY G 27 37.69 -6.87 8.81
N VAL G 28 37.32 -6.79 7.53
CA VAL G 28 38.07 -7.47 6.48
C VAL G 28 38.03 -6.68 5.19
N PHE G 29 38.96 -7.00 4.28
CA PHE G 29 39.05 -6.32 3.00
C PHE G 29 37.76 -6.50 2.19
N PRO G 30 37.23 -5.37 1.66
CA PRO G 30 35.88 -5.32 1.09
C PRO G 30 35.79 -6.07 -0.21
N LEU G 31 34.71 -6.83 -0.36
CA LEU G 31 34.51 -7.73 -1.50
C LEU G 31 34.46 -6.95 -2.81
N ASP G 32 34.12 -5.68 -2.76
CA ASP G 32 34.05 -4.87 -3.95
C ASP G 32 35.35 -4.21 -4.35
N ARG G 33 36.37 -4.41 -3.54
CA ARG G 33 37.68 -3.84 -3.75
C ARG G 33 37.74 -2.31 -3.75
N ASN G 34 36.86 -1.69 -2.98
CA ASN G 34 36.70 -0.25 -3.02
C ASN G 34 37.30 0.40 -1.78
N ARG G 35 38.11 1.43 -1.96
CA ARG G 35 38.68 2.18 -0.82
C ARG G 35 37.64 2.70 0.17
N LEU G 36 36.50 3.09 -0.38
CA LEU G 36 35.42 3.71 0.34
C LEU G 36 34.52 2.74 1.11
N THR G 37 34.69 1.45 0.91
CA THR G 37 33.77 0.50 1.54
C THR G 37 34.40 -0.19 2.76
N ARG G 38 33.58 -0.33 3.80
CA ARG G 38 33.92 -1.14 4.96
C ARG G 38 33.02 -2.36 4.94
N GLU G 39 33.63 -3.54 5.13
CA GLU G 39 32.93 -4.79 5.32
C GLU G 39 33.43 -5.49 6.57
N TRP G 40 32.53 -6.17 7.29
CA TRP G 40 32.89 -6.86 8.54
C TRP G 40 31.95 -8.02 8.90
N PHE G 41 32.31 -8.74 9.96
CA PHE G 41 31.42 -9.79 10.51
C PHE G 41 31.15 -9.62 12.02
N HIS G 42 29.89 -9.74 12.42
CA HIS G 42 29.49 -9.45 13.80
C HIS G 42 29.29 -10.71 14.60
N SER G 43 30.09 -10.90 15.62
CA SER G 43 29.83 -11.97 16.58
C SER G 43 29.56 -11.41 17.98
N GLY G 44 28.65 -12.06 18.71
CA GLY G 44 28.44 -11.73 20.12
C GLY G 44 27.28 -12.44 20.79
N ARG G 45 27.18 -12.28 22.10
CA ARG G 45 26.15 -12.95 22.92
C ARG G 45 25.28 -11.94 23.68
N ALA G 46 23.95 -12.11 23.61
CA ALA G 46 23.01 -11.36 24.42
C ALA G 46 22.41 -12.20 25.55
N LYS G 47 22.48 -11.68 26.78
CA LYS G 47 21.85 -12.33 27.93
C LYS G 47 20.97 -11.37 28.72
N TYR G 48 19.91 -11.90 29.34
CA TYR G 48 19.13 -11.14 30.31
C TYR G 48 18.78 -11.96 31.57
N ILE G 49 18.46 -11.26 32.62
CA ILE G 49 17.99 -11.79 33.91
C ILE G 49 16.94 -10.83 34.49
N VAL G 50 15.82 -11.37 34.97
CA VAL G 50 14.77 -10.59 35.60
C VAL G 50 14.69 -10.96 37.08
N ALA G 51 14.57 -9.94 37.94
CA ALA G 51 14.54 -10.17 39.38
C ALA G 51 13.27 -9.59 40.01
N GLY G 52 12.62 -10.38 40.87
CA GLY G 52 11.49 -9.88 41.69
C GLY G 52 10.12 -10.41 41.34
N PRO G 53 9.04 -9.69 41.74
CA PRO G 53 7.67 -10.18 41.60
C PRO G 53 7.22 -10.38 40.15
N GLY G 54 6.66 -11.56 39.88
CA GLY G 54 6.14 -11.89 38.55
C GLY G 54 7.22 -12.22 37.53
N ALA G 55 8.43 -12.48 38.01
CA ALA G 55 9.61 -12.75 37.17
C ALA G 55 9.51 -14.01 36.28
N ASP G 56 9.30 -15.15 36.91
CA ASP G 56 9.39 -16.44 36.22
C ASP G 56 8.30 -16.52 35.16
N GLU G 57 7.49 -15.47 35.07
CA GLU G 57 6.52 -15.36 34.01
C GLU G 57 6.62 -14.00 33.31
N PHE G 58 7.70 -13.83 32.56
CA PHE G 58 8.09 -12.54 31.97
C PHE G 58 7.87 -12.51 30.47
N GLU G 59 7.30 -11.41 29.97
CA GLU G 59 7.06 -11.23 28.52
C GLU G 59 7.86 -10.06 27.96
N GLY G 60 8.78 -10.32 27.02
CA GLY G 60 9.50 -9.22 26.34
C GLY G 60 10.24 -9.51 25.03
N THR G 61 11.12 -8.60 24.64
CA THR G 61 11.92 -8.79 23.44
C THR G 61 13.41 -8.60 23.74
N LEU G 62 14.26 -9.40 23.09
CA LEU G 62 15.73 -9.35 23.26
C LEU G 62 16.41 -9.04 21.92
N GLU G 63 17.27 -8.01 21.90
CA GLU G 63 17.95 -7.60 20.66
C GLU G 63 19.49 -7.55 20.76
N LEU G 64 20.16 -7.73 19.61
CA LEU G 64 21.63 -7.57 19.55
C LEU G 64 22.12 -6.99 18.23
N GLY G 65 23.05 -6.04 18.32
CA GLY G 65 23.68 -5.39 17.16
C GLY G 65 24.55 -4.19 17.47
N TYR G 66 24.45 -3.17 16.62
CA TYR G 66 25.27 -1.98 16.71
C TYR G 66 24.73 -0.78 15.90
N GLN G 67 25.26 0.41 16.23
CA GLN G 67 25.11 1.60 15.42
C GLN G 67 26.34 1.74 14.50
N ILE G 68 26.08 2.23 13.29
CA ILE G 68 27.09 2.54 12.26
C ILE G 68 27.27 4.06 12.19
N GLY G 69 28.50 4.53 12.11
CA GLY G 69 28.70 5.94 12.00
C GLY G 69 29.70 6.26 10.93
N GLY G 70 29.23 6.88 9.87
CA GLY G 70 30.11 7.34 8.78
C GLY G 70 29.34 8.37 8.00
N PRO G 71 28.49 7.91 7.05
CA PRO G 71 27.52 8.73 6.28
C PRO G 71 26.23 9.10 7.04
N GLY G 72 26.23 8.82 8.34
CA GLY G 72 25.08 9.05 9.19
C GLY G 72 25.16 8.10 10.37
N ILE G 73 24.12 8.12 11.19
CA ILE G 73 24.01 7.28 12.37
C ILE G 73 22.78 6.41 12.17
N GLN G 74 23.02 5.11 11.94
CA GLN G 74 21.98 4.10 11.65
C GLN G 74 22.10 2.84 12.53
N GLU G 75 21.01 2.43 13.16
CA GLU G 75 21.05 1.25 14.02
C GLU G 75 20.80 -0.07 13.23
N VAL G 76 21.70 -1.04 13.35
CA VAL G 76 21.46 -2.40 12.85
C VAL G 76 21.14 -3.33 14.00
N ALA G 77 20.06 -4.08 13.80
CA ALA G 77 19.65 -5.16 14.69
C ALA G 77 19.94 -6.56 14.06
N THR G 78 21.11 -7.10 14.36
CA THR G 78 21.55 -8.41 13.91
C THR G 78 20.49 -9.46 14.23
N PHE G 79 19.98 -9.45 15.46
CA PHE G 79 18.74 -10.19 15.74
C PHE G 79 17.83 -9.42 16.67
N SER G 80 16.55 -9.76 16.59
CA SER G 80 15.51 -9.26 17.46
C SER G 80 14.47 -10.37 17.58
N VAL G 81 14.16 -10.76 18.82
CA VAL G 81 13.33 -11.96 19.10
C VAL G 81 12.43 -11.82 20.33
N ASP G 82 11.24 -12.44 20.35
CA ASP G 82 10.41 -12.44 21.55
C ASP G 82 10.94 -13.44 22.57
N VAL G 83 10.90 -13.08 23.85
CA VAL G 83 11.23 -14.02 24.94
C VAL G 83 10.24 -13.98 26.11
N SER G 84 10.22 -15.10 26.84
CA SER G 84 9.48 -15.23 28.07
C SER G 84 10.36 -15.98 29.06
N GLY G 85 9.96 -15.94 30.33
CA GLY G 85 10.78 -16.46 31.42
C GLY G 85 11.66 -15.40 32.05
N ALA G 86 12.01 -15.63 33.31
CA ALA G 86 12.84 -14.74 34.09
C ALA G 86 14.30 -14.71 33.61
N GLU G 87 14.68 -15.72 32.83
CA GLU G 87 16.05 -15.83 32.30
C GLU G 87 16.06 -16.28 30.85
N GLY G 88 17.18 -16.05 30.17
CA GLY G 88 17.34 -16.37 28.74
C GLY G 88 18.52 -15.71 28.04
N GLY G 89 18.67 -15.96 26.75
CA GLY G 89 19.84 -15.48 26.01
C GLY G 89 20.05 -16.18 24.69
N VAL G 90 20.40 -15.39 23.66
CA VAL G 90 20.64 -15.93 22.32
C VAL G 90 21.90 -15.32 21.70
N ALA G 91 22.69 -16.17 21.03
CA ALA G 91 24.00 -15.80 20.51
C ALA G 91 24.05 -15.75 18.98
N VAL G 92 25.09 -15.13 18.40
CA VAL G 92 25.24 -15.01 16.95
C VAL G 92 26.69 -15.10 16.48
N SER G 93 26.96 -15.92 15.48
CA SER G 93 28.31 -16.03 14.91
C SER G 93 28.29 -15.58 13.45
N ASN G 94 29.32 -14.84 13.05
CA ASN G 94 29.50 -14.31 11.66
C ASN G 94 28.32 -13.59 10.98
N ALA G 95 27.63 -12.70 11.68
CA ALA G 95 26.66 -11.86 10.97
C ALA G 95 27.42 -11.00 9.97
N HIS G 96 26.74 -10.54 8.93
CA HIS G 96 27.39 -9.75 7.88
C HIS G 96 26.98 -8.29 7.94
N GLY G 97 27.97 -7.41 7.94
CA GLY G 97 27.73 -5.97 7.88
C GLY G 97 28.56 -5.33 6.79
N THR G 98 27.96 -4.38 6.06
CA THR G 98 28.74 -3.50 5.19
C THR G 98 28.21 -2.06 5.16
N VAL G 99 29.12 -1.16 4.82
CA VAL G 99 28.77 0.22 4.53
C VAL G 99 29.77 0.84 3.54
N THR G 100 29.26 1.76 2.73
CA THR G 100 30.06 2.43 1.71
C THR G 100 29.85 3.93 1.73
N GLY G 101 30.74 4.61 1.00
CA GLY G 101 30.93 6.04 1.11
C GLY G 101 31.79 6.36 2.32
N ALA G 102 32.46 5.36 2.89
CA ALA G 102 33.17 5.54 4.16
C ALA G 102 34.27 6.50 3.95
N ALA G 103 33.89 7.76 4.00
CA ALA G 103 34.77 8.85 3.79
C ALA G 103 35.65 8.93 5.06
N GLY G 104 36.74 8.15 5.06
CA GLY G 104 37.69 8.14 6.16
C GLY G 104 37.16 7.50 7.43
N GLY G 105 37.39 6.20 7.55
CA GLY G 105 37.00 5.46 8.75
C GLY G 105 35.51 5.21 8.91
N VAL G 106 35.19 4.23 9.75
CA VAL G 106 33.83 4.01 10.27
C VAL G 106 33.95 3.39 11.67
N LEU G 107 33.25 4.00 12.62
CA LEU G 107 33.14 3.47 13.96
C LEU G 107 31.86 2.69 14.16
N LEU G 108 31.93 1.61 14.93
CA LEU G 108 30.78 0.77 15.23
C LEU G 108 30.47 0.70 16.73
N ARG G 109 29.25 1.08 17.13
CA ARG G 109 28.83 0.96 18.53
C ARG G 109 27.88 -0.19 18.84
N PRO G 110 28.40 -1.29 19.41
CA PRO G 110 27.60 -2.47 19.83
C PRO G 110 26.70 -2.32 21.09
N PHE G 111 25.47 -2.87 21.03
CA PHE G 111 24.55 -2.86 22.15
C PHE G 111 23.80 -4.17 22.32
N ALA G 112 23.57 -4.56 23.57
CA ALA G 112 22.51 -5.48 23.93
C ALA G 112 21.36 -4.67 24.54
N ARG G 113 20.14 -5.10 24.22
CA ARG G 113 18.94 -4.42 24.66
C ARG G 113 17.92 -5.44 25.16
N LEU G 114 17.24 -5.11 26.25
CA LEU G 114 16.07 -5.86 26.70
C LEU G 114 14.89 -4.89 26.76
N ILE G 115 13.74 -5.32 26.23
CA ILE G 115 12.49 -4.53 26.23
C ILE G 115 11.36 -5.41 26.76
N ALA G 116 10.50 -4.84 27.60
CA ALA G 116 9.40 -5.61 28.21
C ALA G 116 8.06 -5.33 27.57
N SER G 117 7.18 -6.34 27.55
CA SER G 117 5.80 -6.15 27.10
C SER G 117 5.12 -5.07 27.93
N THR G 118 5.77 -4.64 29.01
CA THR G 118 5.24 -3.57 29.87
C THR G 118 5.66 -2.15 29.51
N GLY G 119 6.37 -1.99 28.38
CA GLY G 119 6.87 -0.67 27.91
C GLY G 119 8.31 -0.38 28.34
N ASP G 120 8.64 -0.82 29.56
CA ASP G 120 9.96 -0.57 30.15
C ASP G 120 11.06 -1.16 29.26
N SER G 121 12.25 -0.54 29.26
CA SER G 121 13.36 -1.02 28.44
C SER G 121 14.70 -0.70 29.05
N VAL G 122 15.67 -1.57 28.82
CA VAL G 122 17.01 -1.26 29.24
C VAL G 122 17.96 -1.72 28.15
N THR G 123 18.99 -0.92 27.89
CA THR G 123 19.96 -1.23 26.85
C THR G 123 21.37 -0.89 27.36
N THR G 124 22.32 -1.82 27.18
CA THR G 124 23.74 -1.72 27.56
C THR G 124 24.53 -1.61 26.26
N TYR G 125 25.45 -0.64 26.18
CA TYR G 125 26.36 -0.54 25.03
C TYR G 125 27.78 -0.81 25.49
N GLY G 126 28.63 -1.21 24.54
CA GLY G 126 30.08 -1.28 24.75
C GLY G 126 30.74 -0.12 24.03
N GLU G 127 32.04 0.05 24.22
CA GLU G 127 32.79 1.10 23.53
C GLU G 127 32.91 0.72 22.04
N PRO G 128 32.77 1.71 21.14
CA PRO G 128 32.96 1.59 19.69
C PRO G 128 34.21 0.87 19.23
N TRP G 129 34.07 0.00 18.20
CA TRP G 129 35.22 -0.49 17.43
C TRP G 129 35.42 0.31 16.12
N ASN G 130 36.66 0.36 15.66
CA ASN G 130 37.09 1.22 14.55
C ASN G 130 37.38 0.39 13.30
N MET G 131 36.42 0.37 12.37
CA MET G 131 36.63 -0.37 11.14
C MET G 131 37.53 0.49 10.26
N ASN G 132 38.82 0.57 10.60
CA ASN G 132 39.79 1.22 9.73
C ASN G 132 41.19 1.11 10.33
N GLY H 1 33.23 -32.18 -2.22
CA GLY H 1 32.94 -32.63 -0.83
C GLY H 1 32.72 -31.43 0.07
N LEU H 2 33.14 -31.56 1.32
CA LEU H 2 33.01 -30.47 2.27
C LEU H 2 33.99 -29.39 1.87
N ASP H 3 33.47 -28.19 1.65
CA ASP H 3 34.30 -27.01 1.40
C ASP H 3 34.63 -26.24 2.66
N ASN H 4 33.63 -26.03 3.51
CA ASN H 4 33.80 -25.29 4.74
C ASN H 4 32.65 -25.53 5.68
N GLU H 5 32.87 -25.21 6.96
CA GLU H 5 31.90 -25.44 8.04
C GLU H 5 32.21 -24.58 9.24
N LEU H 6 31.20 -24.35 10.07
CA LEU H 6 31.39 -23.64 11.33
C LEU H 6 30.28 -23.98 12.33
N SER H 7 30.69 -24.15 13.59
CA SER H 7 29.80 -24.50 14.67
C SER H 7 29.72 -23.37 15.68
N LEU H 8 28.68 -23.40 16.50
CA LEU H 8 28.42 -22.40 17.51
C LEU H 8 27.64 -23.05 18.66
N VAL H 9 28.00 -22.72 19.91
CA VAL H 9 27.22 -23.16 21.08
C VAL H 9 26.16 -22.07 21.22
N ASP H 10 24.89 -22.40 20.95
CA ASP H 10 23.81 -21.40 20.93
C ASP H 10 23.34 -21.12 22.34
N GLY H 11 22.27 -20.34 22.45
CA GLY H 11 21.83 -19.77 23.73
C GLY H 11 21.08 -20.70 24.65
N GLN H 12 20.88 -21.95 24.22
CA GLN H 12 20.32 -22.97 25.09
C GLN H 12 21.15 -24.23 25.14
N ASP H 13 22.47 -24.03 25.06
CA ASP H 13 23.48 -25.08 25.15
C ASP H 13 23.35 -26.19 24.11
N ARG H 14 22.71 -25.89 22.98
CA ARG H 14 22.68 -26.81 21.84
C ARG H 14 23.92 -26.50 21.01
N THR H 15 24.50 -27.52 20.36
CA THR H 15 25.70 -27.32 19.52
C THR H 15 25.42 -27.35 18.01
N LEU H 16 25.34 -26.15 17.43
CA LEU H 16 24.85 -25.95 16.08
C LEU H 16 25.97 -25.81 15.06
N THR H 17 25.92 -26.68 14.07
CA THR H 17 26.85 -26.72 12.96
C THR H 17 26.19 -26.24 11.64
N VAL H 18 26.96 -25.63 10.74
CA VAL H 18 26.46 -25.42 9.38
C VAL H 18 27.56 -25.70 8.37
N GLN H 19 27.22 -26.34 7.26
CA GLN H 19 28.24 -26.83 6.32
C GLN H 19 27.95 -26.44 4.90
N GLN H 20 29.00 -26.46 4.08
CA GLN H 20 28.96 -26.07 2.65
C GLN H 20 29.74 -27.09 1.84
N TRP H 21 29.02 -27.80 0.97
CA TRP H 21 29.56 -28.93 0.21
C TRP H 21 29.45 -28.74 -1.31
N ASP H 22 30.51 -29.06 -2.04
CA ASP H 22 30.43 -29.17 -3.48
C ASP H 22 30.14 -27.88 -4.23
N THR H 23 30.50 -26.72 -3.68
CA THR H 23 30.25 -25.44 -4.33
C THR H 23 30.83 -25.43 -5.72
N PHE H 24 30.09 -24.84 -6.64
CA PHE H 24 30.61 -24.49 -7.94
C PHE H 24 30.00 -23.19 -8.42
N LEU H 25 30.82 -22.22 -8.78
CA LEU H 25 30.31 -21.00 -9.40
C LEU H 25 30.83 -20.89 -10.85
N ASN H 26 30.05 -21.40 -11.80
CA ASN H 26 30.49 -21.51 -13.20
C ASN H 26 30.23 -20.26 -14.03
N GLY H 27 31.30 -19.56 -14.36
CA GLY H 27 31.19 -18.29 -15.05
C GLY H 27 30.97 -18.49 -16.52
N VAL H 28 29.99 -17.78 -17.09
CA VAL H 28 29.79 -17.92 -18.53
C VAL H 28 29.93 -16.59 -19.25
N PHE H 29 30.07 -16.71 -20.56
CA PHE H 29 30.04 -15.58 -21.45
C PHE H 29 28.63 -15.06 -21.46
N PRO H 30 28.45 -13.78 -21.17
CA PRO H 30 27.14 -13.24 -20.83
C PRO H 30 26.21 -13.09 -22.03
N LEU H 31 24.94 -13.36 -21.77
CA LEU H 31 23.93 -13.52 -22.81
C LEU H 31 23.67 -12.24 -23.55
N ASP H 32 23.96 -11.12 -22.90
CA ASP H 32 23.68 -9.81 -23.47
C ASP H 32 24.88 -9.45 -24.31
N ARG H 33 25.96 -10.16 -24.07
CA ARG H 33 27.18 -10.07 -24.85
C ARG H 33 27.80 -8.71 -24.65
N ASN H 34 27.41 -8.06 -23.55
CA ASN H 34 28.10 -6.85 -23.09
C ASN H 34 29.21 -7.10 -22.05
N ARG H 35 30.39 -6.56 -22.32
CA ARG H 35 31.58 -6.92 -21.57
C ARG H 35 31.67 -6.30 -20.17
N LEU H 36 30.75 -5.41 -19.83
CA LEU H 36 30.59 -4.98 -18.43
C LEU H 36 29.78 -5.99 -17.64
N THR H 37 29.14 -6.90 -18.34
CA THR H 37 28.29 -7.91 -17.70
C THR H 37 29.07 -9.17 -17.28
N ARG H 38 28.80 -9.60 -16.05
CA ARG H 38 29.23 -10.90 -15.58
C ARG H 38 27.99 -11.75 -15.46
N GLU H 39 28.06 -13.00 -15.95
CA GLU H 39 27.02 -14.01 -15.79
C GLU H 39 27.59 -15.39 -15.39
N TRP H 40 26.84 -16.15 -14.57
CA TRP H 40 27.32 -17.41 -13.95
C TRP H 40 26.20 -18.35 -13.52
N PHE H 41 26.56 -19.60 -13.23
CA PHE H 41 25.63 -20.57 -12.69
C PHE H 41 26.15 -21.12 -11.35
N HIS H 42 25.29 -21.09 -10.33
CA HIS H 42 25.65 -21.51 -8.96
C HIS H 42 25.20 -22.93 -8.68
N SER H 43 26.10 -23.73 -8.14
CA SER H 43 25.73 -25.06 -7.63
C SER H 43 26.38 -25.29 -6.26
N GLY H 44 25.69 -25.99 -5.37
CA GLY H 44 26.19 -26.27 -4.02
C GLY H 44 25.22 -27.09 -3.18
N ARG H 45 25.68 -27.50 -2.01
CA ARG H 45 24.81 -28.15 -1.00
C ARG H 45 24.96 -27.48 0.36
N ALA H 46 23.86 -27.33 1.08
CA ALA H 46 23.95 -26.92 2.46
C ALA H 46 23.45 -28.00 3.42
N LYS H 47 24.24 -28.29 4.44
CA LYS H 47 23.85 -29.24 5.49
C LYS H 47 24.00 -28.60 6.86
N TYR H 48 23.20 -29.09 7.81
CA TYR H 48 23.29 -28.71 9.21
C TYR H 48 23.31 -29.94 10.14
N ILE H 49 23.78 -29.71 11.37
CA ILE H 49 23.73 -30.69 12.47
C ILE H 49 23.49 -29.94 13.77
N VAL H 50 22.62 -30.47 14.65
CA VAL H 50 22.36 -29.84 15.99
C VAL H 50 22.45 -30.84 17.17
N ALA H 51 23.61 -30.89 17.84
CA ALA H 51 23.81 -31.81 18.99
C ALA H 51 23.40 -31.14 20.30
N GLY H 52 23.05 -31.93 21.31
CA GLY H 52 22.72 -31.41 22.65
C GLY H 52 21.23 -31.46 23.04
N PRO H 53 20.87 -30.76 24.14
CA PRO H 53 19.51 -30.77 24.66
C PRO H 53 18.43 -30.34 23.67
N GLY H 54 17.42 -31.17 23.51
CA GLY H 54 16.27 -30.85 22.67
C GLY H 54 16.59 -30.78 21.19
N ALA H 55 17.71 -31.39 20.79
CA ALA H 55 18.15 -31.42 19.39
C ALA H 55 17.07 -31.90 18.41
N ASP H 56 16.41 -33.00 18.75
CA ASP H 56 15.43 -33.66 17.88
C ASP H 56 14.17 -32.81 17.72
N GLU H 57 14.05 -31.79 18.57
CA GLU H 57 12.93 -30.84 18.50
C GLU H 57 13.33 -29.43 17.97
N PHE H 58 14.50 -29.37 17.33
CA PHE H 58 15.03 -28.13 16.74
C PHE H 58 14.13 -27.60 15.63
N GLU H 59 13.87 -26.30 15.69
CA GLU H 59 13.17 -25.60 14.63
C GLU H 59 14.06 -24.44 14.17
N GLY H 60 14.38 -24.41 12.86
CA GLY H 60 15.27 -23.40 12.28
C GLY H 60 14.98 -23.04 10.84
N THR H 61 15.90 -22.30 10.23
CA THR H 61 15.79 -21.95 8.82
C THR H 61 17.15 -22.11 8.19
N LEU H 62 17.19 -22.61 6.96
CA LEU H 62 18.47 -22.93 6.32
C LEU H 62 18.60 -22.18 4.99
N GLU H 63 19.73 -21.50 4.84
CA GLU H 63 19.93 -20.65 3.70
C GLU H 63 21.25 -21.03 3.13
N LEU H 64 21.41 -20.69 1.85
CA LEU H 64 22.61 -20.91 1.04
C LEU H 64 22.62 -19.90 -0.12
N GLY H 65 23.79 -19.34 -0.41
CA GLY H 65 23.98 -18.42 -1.53
C GLY H 65 25.39 -17.82 -1.57
N TYR H 66 25.45 -16.55 -1.99
CA TYR H 66 26.69 -15.80 -2.11
C TYR H 66 26.49 -14.30 -1.98
N GLN H 67 27.56 -13.59 -1.71
CA GLN H 67 27.56 -12.16 -1.71
C GLN H 67 28.10 -11.74 -3.08
N ILE H 68 27.60 -10.63 -3.63
CA ILE H 68 28.23 -10.07 -4.84
C ILE H 68 29.04 -8.82 -4.48
N GLY H 69 30.31 -8.83 -4.84
CA GLY H 69 31.15 -7.67 -4.65
C GLY H 69 31.57 -7.03 -5.96
N GLY H 70 30.93 -5.91 -6.32
CA GLY H 70 31.29 -5.19 -7.53
C GLY H 70 30.73 -3.78 -7.49
N PRO H 71 29.51 -3.61 -8.02
CA PRO H 71 28.80 -2.33 -7.87
C PRO H 71 28.57 -1.98 -6.40
N GLY H 72 28.99 -2.87 -5.51
CA GLY H 72 28.67 -2.77 -4.09
C GLY H 72 28.69 -4.18 -3.60
N ILE H 73 28.04 -4.42 -2.46
CA ILE H 73 28.03 -5.74 -1.83
C ILE H 73 26.58 -6.09 -1.58
N GLN H 74 26.04 -6.99 -2.40
CA GLN H 74 24.65 -7.45 -2.31
C GLN H 74 24.61 -8.90 -1.81
N GLU H 75 23.55 -9.26 -1.09
CA GLU H 75 23.39 -10.65 -0.71
C GLU H 75 22.28 -11.30 -1.53
N VAL H 76 22.61 -12.47 -2.12
CA VAL H 76 21.67 -13.31 -2.84
C VAL H 76 21.50 -14.65 -2.09
N ALA H 77 20.25 -14.96 -1.78
CA ALA H 77 19.91 -16.21 -1.17
C ALA H 77 19.32 -17.15 -2.25
N THR H 78 20.12 -18.12 -2.70
CA THR H 78 19.70 -18.99 -3.79
C THR H 78 18.45 -19.67 -3.25
N PHE H 79 18.53 -20.16 -2.02
CA PHE H 79 17.36 -20.65 -1.29
C PHE H 79 17.32 -20.29 0.22
N SER H 80 16.11 -20.25 0.77
CA SER H 80 15.92 -20.03 2.20
C SER H 80 14.71 -20.84 2.68
N VAL H 81 14.92 -21.75 3.63
CA VAL H 81 13.94 -22.80 3.93
C VAL H 81 13.80 -23.24 5.37
N ASP H 82 12.56 -23.44 5.84
CA ASP H 82 12.29 -24.07 7.16
C ASP H 82 12.73 -25.55 7.17
N VAL H 83 13.75 -25.84 7.98
CA VAL H 83 14.23 -27.18 8.30
C VAL H 83 13.83 -27.53 9.77
N SER H 84 13.94 -28.79 10.18
CA SER H 84 13.56 -29.25 11.54
C SER H 84 14.15 -30.65 11.70
N GLY H 85 14.37 -31.11 12.94
CA GLY H 85 15.04 -32.39 13.26
C GLY H 85 16.48 -32.02 13.58
N ALA H 86 17.24 -32.95 14.12
CA ALA H 86 18.61 -32.62 14.53
C ALA H 86 19.49 -32.60 13.30
N GLU H 87 18.87 -32.96 12.16
CA GLU H 87 19.58 -33.12 10.88
C GLU H 87 18.81 -32.85 9.60
N GLY H 88 19.60 -32.42 8.60
CA GLY H 88 19.06 -32.04 7.30
C GLY H 88 20.08 -31.44 6.33
N GLY H 89 19.57 -31.13 5.15
CA GLY H 89 20.41 -30.66 4.06
C GLY H 89 19.58 -30.41 2.81
N VAL H 90 19.93 -29.38 2.07
CA VAL H 90 19.29 -29.17 0.79
C VAL H 90 20.28 -28.71 -0.29
N ALA H 91 20.11 -29.24 -1.50
CA ALA H 91 21.07 -29.04 -2.59
C ALA H 91 20.50 -28.24 -3.78
N VAL H 92 21.32 -27.39 -4.39
CA VAL H 92 20.87 -26.67 -5.58
C VAL H 92 21.75 -26.95 -6.79
N SER H 93 21.10 -27.04 -7.96
CA SER H 93 21.86 -27.23 -9.19
C SER H 93 21.47 -26.35 -10.37
N ASN H 94 22.45 -25.59 -10.85
CA ASN H 94 22.27 -24.64 -11.96
C ASN H 94 21.39 -23.43 -11.72
N ALA H 95 21.56 -22.73 -10.62
CA ALA H 95 20.82 -21.49 -10.41
C ALA H 95 21.50 -20.39 -11.21
N HIS H 96 20.72 -19.48 -11.77
CA HIS H 96 21.25 -18.34 -12.50
C HIS H 96 21.55 -17.14 -11.62
N GLY H 97 22.74 -16.59 -11.87
CA GLY H 97 23.12 -15.26 -11.38
C GLY H 97 23.68 -14.34 -12.47
N THR H 98 23.46 -13.03 -12.29
CA THR H 98 24.08 -12.03 -13.17
C THR H 98 24.23 -10.66 -12.51
N VAL H 99 25.26 -9.92 -12.90
CA VAL H 99 25.39 -8.53 -12.46
C VAL H 99 26.02 -7.76 -13.59
N THR H 100 25.74 -6.48 -13.66
CA THR H 100 26.25 -5.66 -14.73
C THR H 100 26.83 -4.40 -14.11
N GLY H 101 27.48 -3.57 -14.91
CA GLY H 101 28.06 -2.33 -14.43
C GLY H 101 29.36 -2.63 -13.74
N ALA H 102 29.85 -3.84 -13.94
CA ALA H 102 30.91 -4.39 -13.10
C ALA H 102 32.29 -3.97 -13.59
N ALA H 103 32.91 -3.05 -12.88
CA ALA H 103 34.02 -2.27 -13.43
C ALA H 103 35.32 -3.05 -13.36
N GLY H 104 35.55 -3.90 -14.35
CA GLY H 104 36.63 -4.87 -14.30
C GLY H 104 36.41 -5.86 -13.17
N GLY H 105 35.85 -7.02 -13.52
CA GLY H 105 35.84 -8.17 -12.63
C GLY H 105 34.79 -8.13 -11.53
N VAL H 106 34.35 -9.31 -11.09
CA VAL H 106 33.43 -9.41 -9.95
C VAL H 106 33.85 -10.54 -9.04
N LEU H 107 33.83 -10.31 -7.73
CA LEU H 107 34.18 -11.33 -6.74
C LEU H 107 32.92 -11.81 -5.99
N LEU H 108 32.87 -13.10 -5.72
CA LEU H 108 31.69 -13.77 -5.14
C LEU H 108 32.03 -14.63 -3.90
N ARG H 109 31.46 -14.26 -2.75
CA ARG H 109 31.73 -14.96 -1.50
C ARG H 109 30.55 -15.89 -1.13
N PRO H 110 30.71 -17.21 -1.37
CA PRO H 110 29.64 -18.17 -1.09
C PRO H 110 29.41 -18.46 0.40
N PHE H 111 28.16 -18.57 0.83
CA PHE H 111 27.88 -18.83 2.23
C PHE H 111 26.78 -19.85 2.48
N ALA H 112 26.86 -20.52 3.62
CA ALA H 112 25.78 -21.39 4.04
C ALA H 112 25.31 -20.87 5.38
N ARG H 113 24.00 -20.68 5.57
CA ARG H 113 23.49 -20.17 6.85
C ARG H 113 22.45 -21.05 7.57
N LEU H 114 22.56 -21.07 8.89
CA LEU H 114 21.60 -21.76 9.76
C LEU H 114 21.10 -20.76 10.81
N ILE H 115 19.84 -20.35 10.65
CA ILE H 115 19.19 -19.50 11.61
C ILE H 115 18.21 -20.40 12.39
N ALA H 116 18.10 -20.20 13.70
CA ALA H 116 17.12 -20.97 14.49
C ALA H 116 15.95 -20.09 14.90
N SER H 117 14.77 -20.71 15.01
CA SER H 117 13.54 -20.04 15.45
C SER H 117 13.68 -19.35 16.80
N THR H 118 14.70 -19.75 17.54
CA THR H 118 14.98 -19.10 18.82
C THR H 118 15.84 -17.83 18.65
N GLY H 119 16.09 -17.44 17.40
CA GLY H 119 16.86 -16.22 17.11
C GLY H 119 18.34 -16.38 16.86
N ASP H 120 18.92 -17.49 17.35
CA ASP H 120 20.35 -17.78 17.20
C ASP H 120 20.65 -18.01 15.75
N SER H 121 21.86 -17.68 15.34
CA SER H 121 22.26 -17.99 13.99
C SER H 121 23.75 -18.25 13.97
N VAL H 122 24.15 -19.15 13.04
CA VAL H 122 25.52 -19.29 12.61
C VAL H 122 25.58 -19.28 11.06
N THR H 123 26.71 -18.86 10.50
CA THR H 123 26.91 -18.89 9.05
C THR H 123 28.37 -19.13 8.66
N THR H 124 28.59 -20.08 7.75
CA THR H 124 29.94 -20.40 7.24
C THR H 124 30.20 -19.78 5.84
N TYR H 125 31.48 -19.50 5.58
CA TYR H 125 31.89 -18.79 4.37
C TYR H 125 33.07 -19.50 3.72
N GLY H 126 33.01 -19.65 2.41
CA GLY H 126 34.11 -20.24 1.66
C GLY H 126 34.92 -19.13 1.01
N GLU H 127 36.10 -19.45 0.54
CA GLU H 127 36.93 -18.47 -0.13
C GLU H 127 36.25 -17.98 -1.42
N PRO H 128 36.34 -16.68 -1.69
CA PRO H 128 35.63 -16.10 -2.82
C PRO H 128 36.07 -16.64 -4.17
N TRP H 129 35.13 -16.74 -5.10
CA TRP H 129 35.46 -17.00 -6.51
C TRP H 129 35.59 -15.68 -7.26
N ASN H 130 36.64 -15.56 -8.07
CA ASN H 130 36.82 -14.40 -8.94
C ASN H 130 36.13 -14.70 -10.24
N MET H 131 35.17 -13.87 -10.59
CA MET H 131 34.37 -14.06 -11.80
C MET H 131 34.93 -13.37 -13.05
N ASN H 132 36.24 -13.17 -13.16
CA ASN H 132 36.85 -12.70 -14.40
C ASN H 132 38.25 -13.30 -14.62
#